data_7WP6
#
_entry.id   7WP6
#
_cell.length_a   1.00
_cell.length_b   1.00
_cell.length_c   1.00
_cell.angle_alpha   90.00
_cell.angle_beta   90.00
_cell.angle_gamma   90.00
#
_symmetry.space_group_name_H-M   'P 1'
#
loop_
_entity.id
_entity.type
_entity.pdbx_description
1 polymer '36H6 heavy chain'
2 polymer '83H7 light chain'
3 polymer '83H7 heavy chain'
4 polymer 'Spike protein S1'
5 polymer '85F7 heavy chain'
6 polymer '36H6 light chain'
7 polymer '85F7 light chain'
8 branched 2-acetamido-2-deoxy-beta-D-glucopyranose-(1-4)-2-acetamido-2-deoxy-beta-D-glucopyranose
9 non-polymer 2-acetamido-2-deoxy-beta-D-glucopyranose
#
loop_
_entity_poly.entity_id
_entity_poly.type
_entity_poly.pdbx_seq_one_letter_code
_entity_poly.pdbx_strand_id
1 'polypeptide(L)'
;VQLQQSGPELVNPGASVKISCKTSGYTFTEYTMHWVKQSHGKSLEWIGGINPNNGDTIYNQKFKGKATLTVDKSSSTAYM
ELRSLTSEDSAVFYCAREGDYYVSSYGYWGQGTTLTVSS
;
B
2 'polypeptide(L)'
;VMTQSHKFLSTSVGDRVNITCKASQDVDTAVAWYQQKPGQSPKLLISWASTRHTGVPDRFTGSGSGTDFTLTISNVQSED
LADYFCQQYSPYPYTFGGGTKLEI
;
C
3 'polypeptide(L)'
;QLAQSGAELARPGASVKLSCKASGYTFTRYWMQWVKQRPGQGLEWIGAIYPGDGDSRYTQKFKGKATLTADKSSSTAYMQ
LSSLASEDSAVYYCARRNYYGYDAFAYWGQGTLVTVSA
;
D
4 'polypeptide(L)'
;TNLCPFGEVFNATRFASVYAWNRKRISNCVADYSVLYNSASFSTFKCYGVSPTKLNDLCFTNVYADSFVIRGDEVRQIAP
GQTGKIADYNYKLPDDFTGCVIAWNSNNLDSKVGGNYNYLYRLFRKSNLKPFERDISTEIYQAGSTPCNGVEGFNCYFPL
QSYGFQPTNGVGYQPYRVVVLSFELLHAP
;
F
5 'polypeptide(L)'
;QVQLQQSGPELVKPGASVRISCKASGYTFTSYYIHWVKQRPGQGLEWIGWIYPGNVKSIYNEKFKGKATLTADKSSNTAY
MQLSSLTSEDSAVYFCAGEEHGNYFDFWGQGTTLTVSQ
;
H
6 'polypeptide(L)'
;DIVMSQSPSSLAVSVGEKVTMSCKSSQSLLYSSNQKNYLAWYQQKPGQSPKLLIYWASTRESGVPDRFTGSGSGTDFTLT
ISSVKAEDLAVYYCQQYYSFPLTFGAGTKLELK
;
I
7 'polypeptide(L)'
;QIVLSQSPTILSASPGEKVTMTCRANSSVGFMHWCQQKPGSSPKPWIYATSNLASGVPGRFSGSGSGTSYSLTISRVEAE
DAATYYCQQWSSDPPTFGSGTKLEIK
;
L
#
# COMPACT_ATOMS: atom_id res chain seq x y z
N VAL A 1 4.98 -16.02 32.33
CA VAL A 1 3.92 -15.03 32.55
C VAL A 1 2.93 -15.50 33.61
N GLN A 2 2.56 -14.57 34.49
CA GLN A 2 1.51 -14.80 35.47
C GLN A 2 0.83 -13.46 35.72
N LEU A 3 -0.49 -13.48 35.77
CA LEU A 3 -1.27 -12.26 35.70
C LEU A 3 -2.21 -12.18 36.89
N GLN A 4 -1.98 -11.16 37.74
CA GLN A 4 -2.65 -11.06 39.04
C GLN A 4 -3.64 -9.92 39.03
N GLN A 5 -4.79 -10.16 39.64
CA GLN A 5 -5.78 -9.11 39.88
C GLN A 5 -5.58 -8.50 41.26
N SER A 6 -6.57 -7.73 41.70
CA SER A 6 -6.60 -7.21 43.06
C SER A 6 -7.47 -8.10 43.95
N GLY A 7 -7.75 -7.61 45.15
CA GLY A 7 -8.57 -8.33 46.10
C GLY A 7 -10.06 -8.13 45.83
N PRO A 8 -10.91 -8.78 46.65
CA PRO A 8 -12.36 -8.63 46.47
C PRO A 8 -12.82 -7.25 46.94
N GLU A 9 -13.76 -6.67 46.20
CA GLU A 9 -14.29 -5.36 46.50
C GLU A 9 -15.77 -5.46 46.91
N LEU A 10 -16.17 -4.56 47.80
CA LEU A 10 -17.56 -4.44 48.23
C LEU A 10 -17.96 -2.99 48.03
N VAL A 11 -18.73 -2.72 46.97
CA VAL A 11 -18.94 -1.35 46.52
C VAL A 11 -20.40 -0.98 46.73
N ASN A 12 -20.62 0.23 47.27
CA ASN A 12 -21.92 0.87 47.41
C ASN A 12 -22.55 1.07 46.04
N PRO A 13 -23.89 1.11 45.94
CA PRO A 13 -24.51 1.29 44.62
C PRO A 13 -24.27 2.67 44.05
N GLY A 14 -23.90 2.71 42.77
CA GLY A 14 -23.65 3.95 42.08
C GLY A 14 -22.33 4.59 42.44
N ALA A 15 -21.23 3.89 42.16
CA ALA A 15 -19.91 4.39 42.53
C ALA A 15 -18.90 3.99 41.48
N SER A 16 -17.84 4.78 41.40
CA SER A 16 -16.73 4.50 40.49
C SER A 16 -15.74 3.58 41.20
N VAL A 17 -15.36 2.48 40.54
CA VAL A 17 -14.46 1.49 41.09
C VAL A 17 -13.40 1.15 40.04
N LYS A 18 -12.16 1.02 40.49
CA LYS A 18 -11.03 0.69 39.61
C LYS A 18 -10.57 -0.71 39.95
N ILE A 19 -10.60 -1.61 38.96
CA ILE A 19 -10.12 -2.96 39.13
C ILE A 19 -8.73 -3.05 38.51
N SER A 20 -7.77 -3.52 39.31
CA SER A 20 -6.37 -3.57 38.91
C SER A 20 -6.00 -4.96 38.40
N CYS A 21 -5.40 -5.00 37.22
CA CYS A 21 -4.87 -6.22 36.64
C CYS A 21 -3.36 -6.02 36.47
N LYS A 22 -2.59 -6.46 37.45
CA LYS A 22 -1.14 -6.30 37.45
C LYS A 22 -0.49 -7.52 36.83
N THR A 23 0.38 -7.30 35.85
CA THR A 23 0.98 -8.41 35.14
C THR A 23 2.42 -8.08 34.80
N SER A 24 3.22 -9.14 34.65
CA SER A 24 4.62 -9.03 34.27
C SER A 24 5.07 -10.36 33.70
N GLY A 25 6.29 -10.38 33.16
CA GLY A 25 6.87 -11.54 32.51
C GLY A 25 7.02 -11.36 31.01
N TYR A 26 6.39 -10.35 30.45
CA TYR A 26 6.36 -10.10 29.01
C TYR A 26 6.29 -8.60 28.76
N THR A 27 6.61 -8.19 27.55
CA THR A 27 6.45 -6.79 27.18
C THR A 27 4.97 -6.46 27.00
N PHE A 28 4.50 -5.50 27.78
CA PHE A 28 3.06 -5.28 27.91
C PHE A 28 2.41 -4.70 26.66
N THR A 29 3.16 -3.96 25.85
CA THR A 29 2.57 -3.31 24.68
C THR A 29 2.45 -4.20 23.47
N GLU A 30 2.70 -5.51 23.60
CA GLU A 30 2.74 -6.39 22.46
C GLU A 30 1.42 -7.11 22.24
N TYR A 31 0.72 -7.46 23.31
CA TYR A 31 -0.52 -8.23 23.22
C TYR A 31 -1.63 -7.42 23.84
N THR A 32 -2.87 -7.72 23.44
CA THR A 32 -4.01 -6.96 23.92
C THR A 32 -4.40 -7.42 25.32
N MET A 33 -5.46 -6.83 25.88
CA MET A 33 -6.11 -7.34 27.07
C MET A 33 -7.59 -7.44 26.77
N HIS A 34 -8.34 -8.06 27.67
CA HIS A 34 -9.80 -8.12 27.57
C HIS A 34 -10.37 -8.22 28.97
N TRP A 35 -11.67 -7.94 29.09
CA TRP A 35 -12.34 -8.04 30.38
C TRP A 35 -13.70 -8.70 30.17
N VAL A 36 -13.97 -9.76 30.91
CA VAL A 36 -15.26 -10.43 30.84
C VAL A 36 -15.85 -10.51 32.23
N LYS A 37 -17.13 -10.82 32.27
CA LYS A 37 -17.93 -10.69 33.46
C LYS A 37 -18.68 -11.99 33.66
N GLN A 38 -18.22 -12.79 34.61
CA GLN A 38 -18.86 -14.08 34.86
C GLN A 38 -19.93 -13.87 35.91
N SER A 39 -21.18 -13.83 35.46
CA SER A 39 -22.32 -13.57 36.33
C SER A 39 -22.71 -14.84 37.08
N HIS A 40 -21.98 -15.07 38.18
CA HIS A 40 -22.15 -16.15 39.18
C HIS A 40 -22.32 -17.53 38.54
N GLY A 41 -21.46 -17.80 37.55
CA GLY A 41 -21.34 -19.13 37.00
C GLY A 41 -21.80 -19.32 35.57
N LYS A 42 -21.90 -18.26 34.76
CA LYS A 42 -22.28 -18.40 33.36
C LYS A 42 -21.63 -17.26 32.57
N SER A 43 -20.44 -17.52 32.03
CA SER A 43 -19.62 -16.49 31.38
C SER A 43 -20.22 -16.11 30.03
N LEU A 44 -21.31 -15.33 30.09
CA LEU A 44 -22.13 -15.06 28.91
C LEU A 44 -21.68 -13.81 28.16
N GLU A 45 -21.11 -12.85 28.86
CA GLU A 45 -20.88 -11.54 28.28
C GLU A 45 -19.39 -11.24 28.21
N TRP A 46 -19.07 -10.18 27.47
CA TRP A 46 -17.74 -9.60 27.48
C TRP A 46 -17.89 -8.08 27.62
N ILE A 47 -17.01 -7.48 28.41
CA ILE A 47 -17.08 -6.04 28.63
C ILE A 47 -16.39 -5.29 27.49
N GLY A 48 -15.15 -5.64 27.22
CA GLY A 48 -14.41 -4.97 26.17
C GLY A 48 -12.96 -5.40 26.08
N GLY A 49 -12.18 -4.65 25.33
CA GLY A 49 -10.74 -4.87 25.22
C GLY A 49 -10.00 -3.58 24.99
N ILE A 50 -8.71 -3.59 25.22
CA ILE A 50 -7.89 -2.40 25.08
C ILE A 50 -6.49 -2.77 24.64
N ASN A 51 -6.09 -2.25 23.49
CA ASN A 51 -4.75 -2.48 22.96
C ASN A 51 -3.77 -1.58 23.69
N PRO A 52 -2.71 -2.11 24.29
CA PRO A 52 -1.75 -1.26 24.99
C PRO A 52 -0.93 -0.37 24.08
N ASN A 53 -0.82 -0.69 22.79
CA ASN A 53 0.01 0.13 21.92
C ASN A 53 -0.68 1.43 21.53
N ASN A 54 -2.00 1.40 21.35
CA ASN A 54 -2.73 2.55 20.85
C ASN A 54 -3.80 3.06 21.80
N GLY A 55 -4.15 2.32 22.84
CA GLY A 55 -5.15 2.76 23.79
C GLY A 55 -6.57 2.74 23.26
N ASP A 56 -6.80 2.07 22.13
CA ASP A 56 -8.09 2.02 21.48
C ASP A 56 -8.97 1.05 22.25
N THR A 57 -10.23 1.41 22.42
CA THR A 57 -11.18 0.61 23.17
C THR A 57 -12.32 0.21 22.27
N ILE A 58 -12.98 -0.90 22.59
CA ILE A 58 -14.25 -1.25 21.98
C ILE A 58 -15.06 -2.08 22.96
N TYR A 59 -16.30 -1.66 23.18
CA TYR A 59 -17.15 -2.24 24.19
C TYR A 59 -18.34 -2.91 23.54
N ASN A 60 -18.93 -3.85 24.26
CA ASN A 60 -20.15 -4.48 23.81
C ASN A 60 -21.31 -3.49 23.90
N GLN A 61 -22.34 -3.74 23.09
CA GLN A 61 -23.53 -2.90 23.13
C GLN A 61 -24.32 -3.05 24.42
N LYS A 62 -24.14 -4.17 25.13
CA LYS A 62 -24.76 -4.37 26.43
C LYS A 62 -24.22 -3.43 27.50
N PHE A 63 -22.94 -3.03 27.40
CA PHE A 63 -22.32 -2.18 28.41
C PHE A 63 -21.78 -0.94 27.70
N LYS A 64 -22.65 0.05 27.52
CA LYS A 64 -22.31 1.31 26.87
C LYS A 64 -22.48 2.43 27.89
N GLY A 65 -21.41 3.12 28.20
CA GLY A 65 -21.44 4.18 29.19
C GLY A 65 -21.19 3.70 30.60
N LYS A 66 -21.67 2.49 30.93
CA LYS A 66 -21.45 1.94 32.25
C LYS A 66 -20.09 1.25 32.33
N ALA A 67 -19.44 1.03 31.20
CA ALA A 67 -18.13 0.40 31.14
C ALA A 67 -17.14 1.30 30.43
N THR A 68 -15.95 1.47 31.03
CA THR A 68 -14.86 2.23 30.44
C THR A 68 -13.56 1.51 30.69
N LEU A 69 -12.66 1.52 29.71
CA LEU A 69 -11.40 0.80 29.77
C LEU A 69 -10.25 1.77 29.53
N THR A 70 -9.35 1.89 30.50
CA THR A 70 -8.21 2.80 30.43
C THR A 70 -6.98 2.12 31.02
N VAL A 71 -5.93 1.96 30.23
CA VAL A 71 -4.71 1.30 30.67
C VAL A 71 -3.49 2.15 30.37
N ASP A 72 -2.73 2.50 31.41
CA ASP A 72 -1.45 3.17 31.24
C ASP A 72 -0.38 2.18 30.82
N LYS A 73 0.71 2.70 30.25
CA LYS A 73 1.68 1.85 29.59
C LYS A 73 2.89 1.54 30.45
N SER A 74 3.29 2.47 31.31
CA SER A 74 4.56 2.33 32.01
C SER A 74 4.49 1.30 33.13
N SER A 75 3.40 1.28 33.89
CA SER A 75 3.34 0.42 35.07
C SER A 75 3.02 -1.03 34.73
N SER A 76 2.67 -1.31 33.47
CA SER A 76 2.26 -2.65 32.99
C SER A 76 1.08 -3.20 33.79
N THR A 77 0.10 -2.35 34.08
CA THR A 77 -1.06 -2.70 34.88
C THR A 77 -2.32 -2.23 34.16
N ALA A 78 -3.30 -3.12 34.04
CA ALA A 78 -4.55 -2.74 33.41
C ALA A 78 -5.53 -2.20 34.43
N TYR A 79 -6.44 -1.34 33.96
CA TYR A 79 -7.43 -0.74 34.83
C TYR A 79 -8.77 -0.71 34.12
N MET A 80 -9.82 -1.13 34.80
CA MET A 80 -11.19 -1.04 34.30
C MET A 80 -12.00 -0.21 35.26
N GLU A 81 -12.74 0.76 34.74
CA GLU A 81 -13.52 1.68 35.57
C GLU A 81 -15.01 1.43 35.35
N LEU A 82 -15.69 1.00 36.40
CA LEU A 82 -17.13 0.81 36.38
C LEU A 82 -17.80 1.97 37.08
N ARG A 83 -18.66 2.67 36.36
CA ARG A 83 -19.38 3.82 36.89
C ARG A 83 -20.87 3.52 36.96
N SER A 84 -21.48 3.96 38.06
CA SER A 84 -22.91 3.81 38.37
C SER A 84 -23.33 2.34 38.37
N LEU A 85 -22.77 1.59 39.31
CA LEU A 85 -23.16 0.21 39.52
C LEU A 85 -24.59 0.12 40.02
N THR A 86 -25.26 -0.95 39.62
CA THR A 86 -26.66 -1.17 39.98
C THR A 86 -26.75 -2.61 40.47
N SER A 87 -27.97 -3.13 40.65
CA SER A 87 -28.14 -4.51 41.12
C SER A 87 -27.92 -5.55 40.04
N GLU A 88 -27.61 -5.14 38.81
CA GLU A 88 -27.34 -6.07 37.73
C GLU A 88 -25.87 -6.43 37.63
N ASP A 89 -24.98 -5.62 38.19
CA ASP A 89 -23.55 -5.91 38.10
C ASP A 89 -23.05 -6.61 39.36
N SER A 90 -23.58 -7.79 39.63
CA SER A 90 -23.15 -8.62 40.76
C SER A 90 -22.51 -9.86 40.16
N ALA A 91 -21.18 -9.83 40.06
CA ALA A 91 -20.47 -10.86 39.33
C ALA A 91 -19.01 -10.89 39.73
N VAL A 92 -18.26 -11.75 39.07
CA VAL A 92 -16.81 -11.80 39.23
C VAL A 92 -16.18 -11.37 37.91
N PHE A 93 -14.98 -10.78 37.98
CA PHE A 93 -14.35 -10.19 36.81
C PHE A 93 -12.94 -10.75 36.61
N TYR A 94 -12.70 -11.24 35.40
CA TYR A 94 -11.39 -11.72 35.01
C TYR A 94 -10.81 -10.80 33.95
N CYS A 95 -9.50 -10.64 33.98
CA CYS A 95 -8.80 -9.94 32.92
C CYS A 95 -7.98 -10.95 32.14
N ALA A 96 -7.91 -10.75 30.84
CA ALA A 96 -7.45 -11.78 29.93
C ALA A 96 -6.27 -11.24 29.14
N ARG A 97 -5.43 -12.13 28.63
CA ARG A 97 -4.46 -11.78 27.60
C ARG A 97 -4.87 -12.43 26.29
N GLU A 98 -4.08 -12.17 25.25
CA GLU A 98 -4.36 -12.73 23.92
C GLU A 98 -3.19 -13.61 23.51
N GLY A 99 -3.29 -14.88 23.87
CA GLY A 99 -2.48 -16.02 23.46
C GLY A 99 -0.99 -15.83 23.63
N ASP A 100 -0.24 -16.65 22.90
CA ASP A 100 1.20 -16.51 22.73
C ASP A 100 1.57 -15.89 21.40
N TYR A 101 0.85 -16.24 20.34
CA TYR A 101 0.72 -15.43 19.16
C TYR A 101 -0.73 -15.01 19.05
N TYR A 102 -1.09 -14.30 17.98
CA TYR A 102 -2.46 -13.79 17.85
C TYR A 102 -3.36 -14.90 17.32
N VAL A 103 -3.56 -15.90 18.18
CA VAL A 103 -4.21 -17.16 17.82
C VAL A 103 -5.55 -17.32 18.51
N SER A 104 -5.68 -16.82 19.72
CA SER A 104 -6.87 -17.00 20.53
C SER A 104 -7.11 -15.73 21.32
N SER A 105 -8.37 -15.31 21.40
CA SER A 105 -8.74 -14.09 22.09
C SER A 105 -8.70 -14.21 23.60
N TYR A 106 -8.37 -15.36 24.14
CA TYR A 106 -8.26 -15.54 25.58
C TYR A 106 -7.16 -16.54 25.87
N GLY A 107 -6.56 -16.43 27.05
CA GLY A 107 -5.48 -17.30 27.45
C GLY A 107 -4.68 -16.58 28.50
N TYR A 108 -4.12 -17.33 29.44
CA TYR A 108 -3.43 -16.80 30.62
C TYR A 108 -4.33 -15.84 31.40
N TRP A 109 -5.46 -16.38 31.84
CA TRP A 109 -6.45 -15.62 32.60
C TRP A 109 -5.93 -15.35 34.00
N GLY A 110 -6.65 -14.52 34.72
CA GLY A 110 -6.29 -14.18 36.08
C GLY A 110 -7.21 -14.79 37.10
N GLN A 111 -6.97 -14.46 38.36
CA GLN A 111 -7.81 -14.84 39.47
C GLN A 111 -9.13 -14.10 39.43
N GLY A 112 -10.01 -14.42 40.37
CA GLY A 112 -11.35 -13.87 40.32
C GLY A 112 -11.62 -12.71 41.26
N THR A 113 -11.75 -11.50 40.72
CA THR A 113 -12.14 -10.37 41.53
C THR A 113 -13.65 -10.37 41.73
N THR A 114 -14.06 -10.69 42.95
CA THR A 114 -15.48 -10.88 43.27
C THR A 114 -16.05 -9.57 43.74
N LEU A 115 -16.83 -8.92 42.88
CA LEU A 115 -17.41 -7.61 43.17
C LEU A 115 -18.91 -7.82 43.35
N THR A 116 -19.36 -7.77 44.60
CA THR A 116 -20.79 -7.78 44.90
C THR A 116 -21.24 -6.37 45.22
N VAL A 117 -22.54 -6.12 45.07
CA VAL A 117 -23.07 -4.81 45.38
C VAL A 117 -23.51 -4.78 46.84
N SER A 118 -22.86 -3.93 47.62
CA SER A 118 -23.13 -3.84 49.06
C SER A 118 -24.06 -2.65 49.29
N SER A 119 -25.36 -2.94 49.38
CA SER A 119 -26.37 -1.90 49.53
C SER A 119 -26.34 -1.29 50.93
N VAL B 1 -2.75 -4.90 -14.74
CA VAL B 1 -2.77 -6.01 -15.68
C VAL B 1 -2.52 -5.51 -17.10
N MET B 2 -2.24 -6.41 -18.02
CA MET B 2 -1.87 -5.97 -19.35
C MET B 2 -2.91 -6.39 -20.39
N THR B 3 -2.68 -5.93 -21.62
CA THR B 3 -3.36 -6.40 -22.82
C THR B 3 -2.47 -6.06 -24.01
N GLN B 4 -2.79 -6.66 -25.16
CA GLN B 4 -1.97 -6.49 -26.34
C GLN B 4 -2.79 -5.96 -27.51
N SER B 5 -2.07 -5.58 -28.57
CA SER B 5 -2.70 -4.92 -29.71
C SER B 5 -3.13 -5.91 -30.77
N HIS B 6 -2.18 -6.59 -31.40
CA HIS B 6 -2.45 -7.49 -32.50
C HIS B 6 -2.11 -8.90 -32.06
N LYS B 7 -3.03 -9.84 -32.25
CA LYS B 7 -2.68 -11.23 -31.98
C LYS B 7 -1.77 -11.79 -33.06
N PHE B 8 -1.93 -11.33 -34.30
CA PHE B 8 -1.06 -11.73 -35.40
C PHE B 8 -0.58 -10.48 -36.13
N LEU B 9 0.61 -10.59 -36.71
CA LEU B 9 1.34 -9.42 -37.18
C LEU B 9 2.12 -9.78 -38.44
N SER B 10 1.81 -9.11 -39.53
CA SER B 10 2.37 -9.43 -40.83
C SER B 10 3.29 -8.31 -41.25
N THR B 11 4.51 -8.65 -41.66
CA THR B 11 5.44 -7.67 -42.16
C THR B 11 6.26 -8.26 -43.31
N SER B 12 6.88 -7.37 -44.07
CA SER B 12 7.89 -7.75 -45.05
C SER B 12 9.25 -7.71 -44.37
N VAL B 13 10.34 -7.76 -45.13
CA VAL B 13 11.66 -7.84 -44.52
C VAL B 13 12.10 -6.46 -44.01
N GLY B 14 12.15 -5.47 -44.89
CA GLY B 14 12.75 -4.22 -44.49
C GLY B 14 11.87 -3.31 -43.64
N ASP B 15 10.64 -3.73 -43.34
CA ASP B 15 9.65 -2.83 -42.76
C ASP B 15 9.93 -2.64 -41.26
N ARG B 16 9.48 -1.50 -40.72
CA ARG B 16 9.50 -1.16 -39.31
C ARG B 16 8.15 -1.45 -38.67
N VAL B 17 8.17 -2.18 -37.56
CA VAL B 17 6.92 -2.59 -36.91
C VAL B 17 6.93 -2.22 -35.43
N ASN B 18 5.86 -1.56 -34.98
CA ASN B 18 5.66 -1.25 -33.57
C ASN B 18 4.69 -2.23 -32.96
N ILE B 19 5.03 -2.74 -31.78
CA ILE B 19 4.13 -3.58 -30.98
C ILE B 19 3.84 -2.83 -29.68
N THR B 20 2.55 -2.66 -29.38
CA THR B 20 2.13 -1.80 -28.28
C THR B 20 1.44 -2.62 -27.20
N CYS B 21 1.76 -2.33 -25.93
CA CYS B 21 1.09 -2.88 -24.76
C CYS B 21 0.49 -1.73 -23.97
N LYS B 22 -0.82 -1.77 -23.76
CA LYS B 22 -1.48 -0.78 -22.93
C LYS B 22 -1.87 -1.39 -21.59
N ALA B 23 -1.30 -0.86 -20.51
CA ALA B 23 -1.52 -1.38 -19.17
C ALA B 23 -2.75 -0.72 -18.57
N SER B 24 -3.50 -1.49 -17.78
CA SER B 24 -4.79 -0.99 -17.27
C SER B 24 -4.58 0.04 -16.17
N GLN B 25 -3.85 -0.32 -15.13
CA GLN B 25 -3.47 0.65 -14.11
C GLN B 25 -2.09 1.19 -14.45
N ASP B 26 -1.53 1.96 -13.51
CA ASP B 26 -0.27 2.64 -13.75
C ASP B 26 0.89 1.75 -13.34
N VAL B 27 1.90 1.68 -14.21
CA VAL B 27 3.17 1.03 -13.90
C VAL B 27 4.24 2.06 -14.23
N ASP B 28 5.01 2.47 -13.23
CA ASP B 28 6.00 3.53 -13.41
C ASP B 28 7.27 2.90 -13.99
N THR B 29 7.20 2.69 -15.31
CA THR B 29 8.31 2.18 -16.15
C THR B 29 8.99 0.90 -15.70
N ALA B 30 8.21 -0.16 -15.49
CA ALA B 30 8.77 -1.41 -15.01
C ALA B 30 8.27 -2.61 -15.81
N VAL B 31 8.03 -2.45 -17.10
CA VAL B 31 7.64 -3.58 -17.92
C VAL B 31 8.87 -4.18 -18.58
N ALA B 32 8.71 -5.34 -19.21
CA ALA B 32 9.78 -5.94 -19.95
C ALA B 32 9.22 -6.69 -21.15
N TRP B 33 10.07 -6.99 -22.11
CA TRP B 33 9.66 -7.56 -23.39
C TRP B 33 10.42 -8.83 -23.72
N TYR B 34 9.68 -9.90 -24.02
CA TYR B 34 10.28 -11.20 -24.27
C TYR B 34 10.01 -11.63 -25.70
N GLN B 35 10.99 -12.29 -26.31
CA GLN B 35 10.77 -13.03 -27.55
C GLN B 35 10.87 -14.51 -27.24
N GLN B 36 10.24 -15.32 -28.08
CA GLN B 36 10.15 -16.74 -27.80
C GLN B 36 10.14 -17.52 -29.09
N LYS B 37 11.30 -18.04 -29.50
CA LYS B 37 11.36 -18.92 -30.64
C LYS B 37 10.56 -20.19 -30.35
N PRO B 38 9.83 -20.71 -31.34
CA PRO B 38 8.78 -21.71 -31.04
C PRO B 38 9.28 -23.03 -30.49
N GLY B 39 10.57 -23.32 -30.53
CA GLY B 39 11.09 -24.44 -29.79
C GLY B 39 11.44 -24.09 -28.36
N GLN B 40 12.36 -23.15 -28.19
CA GLN B 40 13.10 -22.99 -26.95
C GLN B 40 12.32 -22.16 -25.94
N SER B 41 13.02 -21.72 -24.90
CA SER B 41 12.40 -20.98 -23.82
C SER B 41 12.54 -19.48 -24.06
N PRO B 42 11.56 -18.68 -23.64
CA PRO B 42 11.62 -17.24 -23.91
C PRO B 42 12.68 -16.54 -23.07
N LYS B 43 13.40 -15.65 -23.73
CA LYS B 43 14.51 -14.92 -23.12
C LYS B 43 14.17 -13.43 -23.04
N LEU B 44 14.95 -12.73 -22.24
CA LEU B 44 14.71 -11.32 -21.94
C LEU B 44 15.39 -10.45 -22.99
N LEU B 45 14.65 -9.50 -23.55
CA LEU B 45 15.16 -8.66 -24.62
C LEU B 45 15.22 -7.20 -24.21
N ILE B 46 14.10 -6.66 -23.74
CA ILE B 46 13.98 -5.29 -23.26
C ILE B 46 13.46 -5.37 -21.83
N SER B 47 14.04 -4.60 -20.92
CA SER B 47 13.52 -4.50 -19.57
C SER B 47 13.62 -3.05 -19.10
N TRP B 48 12.62 -2.60 -18.34
CA TRP B 48 12.40 -1.20 -17.98
C TRP B 48 12.32 -0.38 -19.26
N ALA B 49 11.19 -0.46 -19.97
CA ALA B 49 11.06 -0.43 -21.43
C ALA B 49 12.06 0.38 -22.26
N SER B 50 12.66 1.43 -21.69
CA SER B 50 13.76 2.11 -22.35
C SER B 50 15.00 1.25 -22.58
N THR B 51 15.36 0.39 -21.63
CA THR B 51 16.69 -0.21 -21.59
C THR B 51 16.70 -1.59 -22.26
N ARG B 52 17.72 -1.86 -23.05
CA ARG B 52 17.88 -3.16 -23.66
C ARG B 52 18.77 -4.05 -22.82
N HIS B 53 18.85 -5.32 -23.22
CA HIS B 53 19.58 -6.35 -22.49
C HIS B 53 20.87 -6.70 -23.23
N THR B 54 21.76 -7.39 -22.54
CA THR B 54 22.99 -7.86 -23.16
C THR B 54 22.69 -9.00 -24.11
N GLY B 55 23.60 -9.20 -25.07
CA GLY B 55 23.40 -10.20 -26.11
C GLY B 55 22.35 -9.84 -27.14
N VAL B 56 21.83 -8.63 -27.11
CA VAL B 56 20.74 -8.18 -27.97
C VAL B 56 21.31 -7.15 -28.94
N PRO B 57 20.96 -7.20 -30.23
CA PRO B 57 21.41 -6.16 -31.16
C PRO B 57 20.81 -4.80 -30.87
N ASP B 58 21.36 -3.75 -31.49
CA ASP B 58 20.83 -2.41 -31.33
C ASP B 58 19.61 -2.15 -32.20
N ARG B 59 19.17 -3.17 -32.94
CA ARG B 59 17.95 -3.09 -33.72
C ARG B 59 16.72 -2.93 -32.84
N PHE B 60 16.67 -3.66 -31.73
CA PHE B 60 15.51 -3.62 -30.85
C PHE B 60 15.55 -2.38 -29.98
N THR B 61 14.63 -1.46 -30.23
CA THR B 61 14.44 -0.28 -29.39
C THR B 61 13.00 -0.32 -28.89
N GLY B 62 12.82 -0.63 -27.62
CA GLY B 62 11.56 -0.41 -26.95
C GLY B 62 11.56 0.99 -26.35
N SER B 63 10.38 1.59 -26.27
CA SER B 63 10.27 2.94 -25.74
C SER B 63 8.88 3.14 -25.18
N GLY B 64 8.63 4.37 -24.74
CA GLY B 64 7.39 4.70 -24.08
C GLY B 64 7.50 4.52 -22.57
N SER B 65 6.58 5.17 -21.85
CA SER B 65 6.54 5.12 -20.41
C SER B 65 5.15 5.56 -19.96
N GLY B 66 4.93 5.48 -18.65
CA GLY B 66 3.62 5.82 -18.13
C GLY B 66 2.68 4.63 -18.10
N THR B 67 1.83 4.51 -19.11
CA THR B 67 0.99 3.32 -19.23
C THR B 67 0.80 2.88 -20.68
N ASP B 68 1.62 3.36 -21.62
CA ASP B 68 1.61 2.90 -23.00
C ASP B 68 3.05 2.59 -23.40
N PHE B 69 3.34 1.32 -23.64
CA PHE B 69 4.68 0.86 -23.95
C PHE B 69 4.72 0.30 -25.36
N THR B 70 5.85 0.52 -26.03
CA THR B 70 5.93 0.26 -27.46
C THR B 70 7.30 -0.35 -27.76
N LEU B 71 7.30 -1.34 -28.66
CA LEU B 71 8.54 -1.97 -29.10
C LEU B 71 8.64 -1.80 -30.61
N THR B 72 9.61 -0.99 -31.05
CA THR B 72 9.81 -0.72 -32.47
C THR B 72 10.96 -1.57 -32.96
N ILE B 73 10.63 -2.73 -33.52
CA ILE B 73 11.64 -3.55 -34.17
C ILE B 73 11.94 -2.94 -35.52
N SER B 74 13.20 -2.55 -35.75
CA SER B 74 13.49 -1.68 -36.88
C SER B 74 13.57 -2.43 -38.19
N ASN B 75 14.56 -3.31 -38.35
CA ASN B 75 14.76 -4.00 -39.62
C ASN B 75 14.66 -5.50 -39.34
N VAL B 76 13.44 -6.03 -39.39
CA VAL B 76 13.17 -7.41 -39.03
C VAL B 76 13.81 -8.34 -40.07
N GLN B 77 14.81 -9.09 -39.64
CA GLN B 77 15.49 -10.00 -40.54
C GLN B 77 14.70 -11.29 -40.69
N SER B 78 15.33 -12.30 -41.29
CA SER B 78 14.71 -13.61 -41.36
C SER B 78 14.82 -14.36 -40.05
N GLU B 79 15.65 -13.88 -39.12
CA GLU B 79 15.82 -14.56 -37.84
C GLU B 79 14.74 -14.17 -36.84
N ASP B 80 14.47 -12.88 -36.70
CA ASP B 80 13.59 -12.36 -35.65
C ASP B 80 12.13 -12.51 -36.08
N LEU B 81 11.67 -13.77 -36.13
CA LEU B 81 10.29 -14.07 -36.47
C LEU B 81 9.72 -14.97 -35.39
N ALA B 82 9.21 -14.37 -34.32
CA ALA B 82 8.60 -15.10 -33.22
C ALA B 82 7.61 -14.19 -32.51
N ASP B 83 6.93 -14.74 -31.51
CA ASP B 83 5.94 -13.96 -30.77
C ASP B 83 6.63 -13.04 -29.77
N TYR B 84 5.83 -12.20 -29.11
CA TYR B 84 6.40 -11.20 -28.21
C TYR B 84 5.52 -11.02 -26.98
N PHE B 85 6.13 -10.67 -25.85
CA PHE B 85 5.45 -10.67 -24.56
C PHE B 85 5.56 -9.32 -23.86
N CYS B 86 4.81 -9.15 -22.76
CA CYS B 86 4.89 -7.97 -21.93
C CYS B 86 4.84 -8.42 -20.47
N GLN B 87 5.02 -7.46 -19.56
CA GLN B 87 4.97 -7.81 -18.14
C GLN B 87 4.60 -6.59 -17.29
N GLN B 88 4.47 -6.81 -15.99
CA GLN B 88 4.49 -5.75 -15.00
C GLN B 88 5.17 -6.28 -13.74
N TYR B 89 5.86 -5.40 -13.03
CA TYR B 89 6.71 -5.81 -11.91
C TYR B 89 6.27 -5.22 -10.58
N SER B 90 5.45 -4.19 -10.57
CA SER B 90 5.09 -3.58 -9.29
C SER B 90 3.99 -4.33 -8.55
N PRO B 91 2.77 -4.53 -9.09
CA PRO B 91 1.76 -5.16 -8.24
C PRO B 91 1.76 -6.68 -8.34
N TYR B 92 1.47 -7.33 -7.23
CA TYR B 92 1.28 -8.77 -7.27
C TYR B 92 -0.14 -9.06 -7.76
N PRO B 93 -0.31 -10.01 -8.67
CA PRO B 93 0.68 -10.89 -9.29
C PRO B 93 1.33 -10.25 -10.51
N TYR B 94 2.49 -10.74 -10.92
CA TYR B 94 3.17 -10.20 -12.10
C TYR B 94 2.50 -10.77 -13.34
N THR B 95 1.30 -10.29 -13.68
CA THR B 95 0.51 -10.89 -14.74
C THR B 95 1.01 -10.45 -16.11
N PHE B 96 1.08 -11.40 -17.02
CA PHE B 96 1.67 -11.18 -18.34
C PHE B 96 0.66 -10.61 -19.31
N GLY B 97 1.15 -10.02 -20.37
CA GLY B 97 0.30 -9.70 -21.50
C GLY B 97 0.15 -10.90 -22.39
N GLY B 98 -0.75 -10.78 -23.35
CA GLY B 98 -0.93 -11.84 -24.31
C GLY B 98 0.20 -11.92 -25.31
N GLY B 99 0.18 -12.98 -26.11
CA GLY B 99 1.18 -13.12 -27.15
C GLY B 99 0.86 -12.23 -28.33
N THR B 100 1.88 -12.00 -29.17
CA THR B 100 1.71 -11.31 -30.45
C THR B 100 2.70 -11.85 -31.48
N LYS B 101 2.19 -12.65 -32.40
CA LYS B 101 3.05 -13.44 -33.28
C LYS B 101 3.42 -12.66 -34.53
N LEU B 102 4.71 -12.66 -34.85
CA LEU B 102 5.24 -11.94 -35.99
C LEU B 102 5.46 -12.92 -37.12
N GLU B 103 5.10 -12.54 -38.33
CA GLU B 103 5.17 -13.44 -39.47
C GLU B 103 5.30 -12.64 -40.76
N ILE B 104 5.67 -13.34 -41.83
CA ILE B 104 5.73 -12.71 -43.14
C ILE B 104 4.45 -12.99 -43.90
N GLN C 1 24.51 -20.35 -13.99
CA GLN C 1 23.74 -19.19 -14.36
C GLN C 1 22.43 -19.65 -14.97
N LEU C 2 22.32 -20.94 -15.19
CA LEU C 2 21.24 -21.53 -15.98
C LEU C 2 20.47 -22.54 -15.14
N ALA C 3 19.19 -22.67 -15.44
CA ALA C 3 18.35 -23.62 -14.71
C ALA C 3 18.27 -24.95 -15.46
N GLN C 4 17.91 -26.01 -14.71
CA GLN C 4 17.75 -27.35 -15.24
C GLN C 4 16.58 -28.05 -14.57
N SER C 5 15.78 -28.78 -15.36
CA SER C 5 14.47 -29.22 -14.89
C SER C 5 14.26 -30.67 -15.32
N GLY C 6 13.05 -31.22 -15.18
CA GLY C 6 12.79 -32.60 -15.52
C GLY C 6 11.59 -32.72 -16.44
N ALA C 7 11.06 -33.93 -16.56
CA ALA C 7 9.92 -34.20 -17.44
C ALA C 7 8.91 -35.08 -16.72
N GLU C 8 7.71 -35.20 -17.29
CA GLU C 8 6.61 -35.85 -16.58
C GLU C 8 5.46 -36.18 -17.53
N LEU C 9 4.90 -37.37 -17.37
CA LEU C 9 3.58 -37.73 -17.87
C LEU C 9 2.81 -38.33 -16.69
N ALA C 10 1.69 -37.73 -16.33
CA ALA C 10 1.02 -38.11 -15.09
C ALA C 10 -0.48 -38.24 -15.29
N ARG C 11 -1.13 -38.83 -14.26
CA ARG C 11 -2.51 -39.25 -14.16
C ARG C 11 -3.40 -38.10 -13.71
N PRO C 12 -4.69 -38.13 -14.09
CA PRO C 12 -5.57 -37.00 -13.72
C PRO C 12 -5.97 -36.96 -12.25
N GLY C 13 -5.64 -37.97 -11.46
CA GLY C 13 -5.92 -37.88 -10.05
C GLY C 13 -4.71 -37.67 -9.16
N ALA C 14 -3.51 -37.84 -9.69
CA ALA C 14 -2.30 -37.99 -8.89
C ALA C 14 -1.78 -36.62 -8.44
N SER C 15 -0.51 -36.61 -8.01
CA SER C 15 0.20 -35.40 -7.62
C SER C 15 1.60 -35.46 -8.20
N VAL C 16 2.10 -34.34 -8.67
CA VAL C 16 3.39 -34.27 -9.35
C VAL C 16 4.36 -33.46 -8.53
N LYS C 17 5.57 -33.97 -8.37
CA LYS C 17 6.68 -33.23 -7.79
C LYS C 17 7.64 -32.91 -8.93
N LEU C 18 7.49 -31.72 -9.52
CA LEU C 18 8.41 -31.21 -10.52
C LEU C 18 9.72 -30.77 -9.87
N SER C 19 10.58 -30.16 -10.67
CA SER C 19 11.86 -29.75 -10.15
C SER C 19 12.35 -28.53 -10.89
N CYS C 20 13.34 -27.87 -10.29
CA CYS C 20 14.12 -26.85 -10.97
C CYS C 20 15.47 -26.82 -10.28
N LYS C 21 16.43 -27.53 -10.84
CA LYS C 21 17.76 -27.51 -10.26
C LYS C 21 18.43 -26.20 -10.64
N ALA C 22 18.94 -25.50 -9.64
CA ALA C 22 19.61 -24.23 -9.84
C ALA C 22 21.11 -24.48 -9.77
N SER C 23 21.88 -23.60 -10.40
CA SER C 23 23.32 -23.78 -10.47
C SER C 23 24.01 -22.45 -10.72
N GLY C 24 25.16 -22.27 -10.10
CA GLY C 24 26.06 -21.20 -10.45
C GLY C 24 25.94 -19.92 -9.66
N TYR C 25 24.91 -19.78 -8.81
CA TYR C 25 24.77 -18.57 -8.03
C TYR C 25 24.51 -18.97 -6.58
N THR C 26 24.22 -17.98 -5.75
CA THR C 26 23.89 -18.23 -4.35
C THR C 26 22.39 -18.52 -4.27
N PHE C 27 22.05 -19.77 -4.00
CA PHE C 27 20.65 -20.17 -3.95
C PHE C 27 19.96 -19.69 -2.68
N THR C 28 20.71 -19.21 -1.70
CA THR C 28 20.17 -18.73 -0.45
C THR C 28 19.55 -17.34 -0.59
N ARG C 29 20.03 -16.52 -1.52
CA ARG C 29 19.63 -15.12 -1.51
C ARG C 29 18.68 -14.72 -2.63
N TYR C 30 18.58 -15.47 -3.72
CA TYR C 30 17.71 -15.08 -4.82
C TYR C 30 16.33 -15.68 -4.67
N TRP C 31 15.38 -15.14 -5.43
CA TRP C 31 14.05 -15.71 -5.46
C TRP C 31 13.92 -16.68 -6.62
N MET C 32 13.42 -17.88 -6.38
CA MET C 32 12.97 -18.73 -7.47
C MET C 32 11.53 -18.39 -7.81
N GLN C 33 11.21 -18.30 -9.11
CA GLN C 33 9.90 -17.88 -9.57
C GLN C 33 9.42 -18.80 -10.68
N TRP C 34 8.21 -19.32 -10.52
CA TRP C 34 7.66 -20.33 -11.41
C TRP C 34 6.56 -19.73 -12.25
N VAL C 35 6.63 -19.93 -13.57
CA VAL C 35 5.56 -19.51 -14.48
C VAL C 35 5.05 -20.74 -15.20
N LYS C 36 3.85 -20.63 -15.76
CA LYS C 36 3.28 -21.70 -16.55
C LYS C 36 2.88 -21.18 -17.91
N GLN C 37 2.85 -22.08 -18.90
CA GLN C 37 2.55 -21.70 -20.27
C GLN C 37 1.74 -22.81 -20.90
N ARG C 38 0.47 -22.57 -21.15
CA ARG C 38 -0.31 -23.46 -21.99
C ARG C 38 0.05 -23.21 -23.44
N PRO C 39 -0.26 -24.14 -24.34
CA PRO C 39 -0.14 -23.80 -25.77
C PRO C 39 -1.17 -22.76 -26.16
N GLY C 40 -0.67 -21.56 -26.44
CA GLY C 40 -1.55 -20.42 -26.59
C GLY C 40 -1.86 -19.80 -25.23
N GLN C 41 -2.67 -18.75 -25.28
CA GLN C 41 -3.17 -17.98 -24.13
C GLN C 41 -2.07 -17.36 -23.28
N GLY C 42 -0.87 -17.18 -23.83
CA GLY C 42 0.14 -16.40 -23.15
C GLY C 42 0.70 -17.09 -21.92
N LEU C 43 1.50 -16.37 -21.17
CA LEU C 43 2.09 -16.91 -19.96
C LEU C 43 1.18 -16.57 -18.79
N GLU C 44 1.61 -17.01 -17.61
CA GLU C 44 0.85 -16.80 -16.38
C GLU C 44 1.80 -17.05 -15.22
N TRP C 45 1.66 -16.28 -14.16
CA TRP C 45 2.54 -16.40 -13.01
C TRP C 45 1.89 -17.30 -11.96
N ILE C 46 2.70 -18.12 -11.29
CA ILE C 46 2.21 -19.10 -10.31
C ILE C 46 2.52 -18.66 -8.90
N GLY C 47 3.80 -18.61 -8.57
CA GLY C 47 4.20 -18.28 -7.23
C GLY C 47 5.71 -18.18 -7.16
N ALA C 48 6.21 -18.05 -5.94
CA ALA C 48 7.64 -17.89 -5.75
C ALA C 48 8.00 -18.34 -4.35
N ILE C 49 9.30 -18.61 -4.14
CA ILE C 49 9.82 -18.92 -2.82
C ILE C 49 11.10 -18.15 -2.55
N TYR C 50 11.51 -18.14 -1.29
CA TYR C 50 12.78 -17.58 -0.90
C TYR C 50 13.55 -18.74 -0.28
N PRO C 51 14.42 -19.39 -1.05
CA PRO C 51 15.09 -20.60 -0.57
C PRO C 51 16.03 -20.39 0.60
N GLY C 52 16.36 -19.16 0.98
CA GLY C 52 17.06 -18.97 2.23
C GLY C 52 16.19 -19.25 3.43
N ASP C 53 14.94 -18.79 3.42
CA ASP C 53 14.07 -18.84 4.58
C ASP C 53 12.84 -19.73 4.42
N GLY C 54 12.26 -19.82 3.23
CA GLY C 54 11.01 -20.53 3.05
C GLY C 54 9.78 -19.67 3.06
N ASP C 55 9.90 -18.39 2.66
CA ASP C 55 8.78 -17.45 2.64
C ASP C 55 8.14 -17.47 1.25
N SER C 56 7.18 -18.37 1.09
CA SER C 56 6.55 -18.55 -0.21
C SER C 56 5.45 -17.52 -0.43
N ARG C 57 5.33 -17.07 -1.68
CA ARG C 57 4.27 -16.16 -2.11
C ARG C 57 3.45 -16.82 -3.21
N TYR C 58 2.20 -16.40 -3.36
CA TYR C 58 1.32 -17.09 -4.30
C TYR C 58 0.39 -16.11 -4.99
N THR C 59 -0.34 -16.65 -5.97
CA THR C 59 -1.45 -16.01 -6.63
C THR C 59 -2.72 -16.70 -6.18
N GLN C 60 -3.81 -15.93 -6.04
CA GLN C 60 -5.06 -16.43 -5.49
C GLN C 60 -5.72 -17.54 -6.31
N LYS C 61 -5.44 -17.61 -7.62
CA LYS C 61 -5.96 -18.72 -8.41
C LYS C 61 -5.06 -19.93 -8.28
N PHE C 62 -3.87 -19.76 -7.71
CA PHE C 62 -2.88 -20.81 -7.61
C PHE C 62 -2.41 -21.05 -6.19
N LYS C 63 -3.14 -20.56 -5.19
CA LYS C 63 -2.77 -20.84 -3.80
C LYS C 63 -3.55 -22.04 -3.31
N GLY C 64 -2.87 -22.92 -2.58
CA GLY C 64 -3.44 -24.19 -2.18
C GLY C 64 -3.20 -25.31 -3.16
N LYS C 65 -3.20 -25.03 -4.47
CA LYS C 65 -2.96 -26.04 -5.48
C LYS C 65 -1.48 -26.39 -5.61
N ALA C 66 -0.62 -25.40 -5.80
CA ALA C 66 0.81 -25.62 -5.84
C ALA C 66 1.37 -25.33 -4.45
N THR C 67 2.04 -26.30 -3.87
CA THR C 67 2.67 -26.12 -2.56
C THR C 67 4.17 -26.12 -2.79
N LEU C 68 4.72 -24.93 -2.99
CA LEU C 68 6.13 -24.78 -3.29
C LEU C 68 6.98 -25.05 -2.07
N THR C 69 8.10 -25.77 -2.26
CA THR C 69 9.09 -25.98 -1.21
C THR C 69 10.47 -25.74 -1.80
N ALA C 70 11.47 -25.78 -0.93
CA ALA C 70 12.85 -25.62 -1.34
C ALA C 70 13.75 -26.37 -0.36
N ASP C 71 14.96 -26.66 -0.81
CA ASP C 71 15.94 -27.33 0.03
C ASP C 71 17.30 -26.69 -0.16
N LYS C 72 17.86 -26.21 0.95
CA LYS C 72 19.11 -25.45 0.89
C LYS C 72 20.28 -26.34 0.53
N SER C 73 20.30 -27.56 1.09
CA SER C 73 21.45 -28.44 0.98
C SER C 73 21.62 -29.04 -0.41
N SER C 74 20.53 -29.34 -1.10
CA SER C 74 20.64 -29.99 -2.41
C SER C 74 20.68 -28.98 -3.55
N SER C 75 20.43 -27.70 -3.24
CA SER C 75 20.44 -26.57 -4.20
C SER C 75 19.44 -26.76 -5.33
N THR C 76 18.18 -26.98 -4.97
CA THR C 76 17.10 -27.07 -5.94
C THR C 76 15.80 -26.66 -5.27
N ALA C 77 14.77 -26.49 -6.08
CA ALA C 77 13.45 -26.08 -5.62
C ALA C 77 12.38 -26.98 -6.23
N TYR C 78 11.35 -27.26 -5.45
CA TYR C 78 10.31 -28.20 -5.86
C TYR C 78 8.97 -27.51 -5.83
N MET C 79 8.18 -27.74 -6.88
CA MET C 79 6.79 -27.34 -6.81
C MET C 79 5.98 -28.63 -6.82
N GLN C 80 4.81 -28.57 -6.22
CA GLN C 80 4.00 -29.76 -6.03
C GLN C 80 2.57 -29.47 -6.49
N LEU C 81 2.22 -29.99 -7.64
CA LEU C 81 0.87 -29.86 -8.16
C LEU C 81 -0.09 -30.70 -7.35
N SER C 82 -1.37 -30.36 -7.44
CA SER C 82 -2.42 -31.14 -6.79
C SER C 82 -3.71 -30.95 -7.55
N SER C 83 -4.46 -32.05 -7.68
CA SER C 83 -5.75 -32.13 -8.38
C SER C 83 -5.61 -31.66 -9.83
N LEU C 84 -4.77 -32.37 -10.57
CA LEU C 84 -4.50 -32.04 -11.95
C LEU C 84 -5.69 -32.39 -12.82
N ALA C 85 -5.77 -31.79 -14.00
CA ALA C 85 -6.92 -31.97 -14.88
C ALA C 85 -6.48 -31.70 -16.30
N SER C 86 -7.46 -31.52 -17.19
CA SER C 86 -7.17 -31.26 -18.59
C SER C 86 -6.69 -29.83 -18.83
N GLU C 87 -6.98 -28.90 -17.91
CA GLU C 87 -6.55 -27.52 -18.12
C GLU C 87 -5.11 -27.33 -17.68
N ASP C 88 -4.58 -28.25 -16.87
CA ASP C 88 -3.23 -28.09 -16.34
C ASP C 88 -2.16 -28.73 -17.20
N SER C 89 -2.52 -29.26 -18.37
CA SER C 89 -1.53 -29.85 -19.26
C SER C 89 -0.78 -28.73 -19.96
N ALA C 90 0.37 -28.34 -19.42
CA ALA C 90 1.04 -27.15 -19.92
C ALA C 90 2.55 -27.31 -19.73
N VAL C 91 3.25 -26.21 -19.93
CA VAL C 91 4.70 -26.19 -19.80
C VAL C 91 5.07 -25.28 -18.64
N TYR C 92 5.94 -25.75 -17.75
CA TYR C 92 6.22 -25.07 -16.50
C TYR C 92 7.71 -24.74 -16.43
N TYR C 93 8.03 -23.46 -16.34
CA TYR C 93 9.43 -23.02 -16.30
C TYR C 93 9.75 -22.56 -14.90
N CYS C 94 11.02 -22.23 -14.68
CA CYS C 94 11.45 -21.53 -13.48
C CYS C 94 12.39 -20.40 -13.87
N ALA C 95 12.25 -19.25 -13.23
CA ALA C 95 13.03 -18.10 -13.66
C ALA C 95 13.50 -17.29 -12.47
N ARG C 96 14.76 -16.88 -12.52
CA ARG C 96 15.36 -16.05 -11.50
C ARG C 96 15.51 -14.64 -12.04
N ARG C 97 15.13 -13.65 -11.23
CA ARG C 97 15.29 -12.25 -11.61
C ARG C 97 16.76 -11.87 -11.72
N ASN C 98 17.01 -10.72 -12.34
CA ASN C 98 18.40 -10.33 -12.60
C ASN C 98 19.10 -9.83 -11.34
N TYR C 99 18.57 -8.79 -10.72
CA TYR C 99 19.08 -8.28 -9.46
C TYR C 99 17.96 -8.38 -8.44
N TYR C 100 18.24 -9.01 -7.30
CA TYR C 100 17.20 -9.55 -6.44
C TYR C 100 16.33 -8.45 -5.86
N GLY C 101 15.06 -8.79 -5.68
CA GLY C 101 14.04 -7.81 -5.38
C GLY C 101 13.07 -7.54 -6.50
N TYR C 102 13.28 -6.44 -7.21
CA TYR C 102 12.29 -5.84 -8.09
C TYR C 102 12.97 -5.59 -9.43
N ASP C 103 12.91 -6.58 -10.32
CA ASP C 103 13.71 -6.57 -11.54
C ASP C 103 13.07 -7.50 -12.56
N ALA C 104 13.84 -7.89 -13.57
CA ALA C 104 13.34 -8.64 -14.72
C ALA C 104 13.80 -10.09 -14.72
N PHE C 105 12.96 -10.93 -15.30
CA PHE C 105 13.17 -12.38 -15.31
C PHE C 105 14.21 -12.73 -16.37
N ALA C 106 15.48 -12.67 -16.00
CA ALA C 106 16.56 -12.65 -16.98
C ALA C 106 17.12 -14.04 -17.28
N TYR C 107 16.83 -15.04 -16.47
CA TYR C 107 17.38 -16.37 -16.70
C TYR C 107 16.26 -17.40 -16.66
N TRP C 108 15.97 -18.00 -17.79
CA TRP C 108 14.86 -18.95 -17.89
C TRP C 108 15.39 -20.34 -18.17
N GLY C 109 14.67 -21.32 -17.64
CA GLY C 109 15.06 -22.70 -17.81
C GLY C 109 14.32 -23.37 -18.94
N GLN C 110 14.73 -24.58 -19.31
CA GLN C 110 14.06 -25.27 -20.39
C GLN C 110 12.72 -25.80 -19.92
N GLY C 111 11.86 -26.10 -20.88
CA GLY C 111 10.48 -26.42 -20.56
C GLY C 111 10.33 -27.84 -20.04
N THR C 112 9.34 -28.02 -19.17
CA THR C 112 8.96 -29.34 -18.68
C THR C 112 7.58 -29.65 -19.23
N LEU C 113 7.51 -30.51 -20.23
CA LEU C 113 6.23 -31.00 -20.69
C LEU C 113 5.55 -31.77 -19.57
N VAL C 114 4.39 -31.29 -19.18
CA VAL C 114 3.56 -32.00 -18.21
C VAL C 114 2.23 -32.27 -18.90
N THR C 115 1.99 -33.52 -19.26
CA THR C 115 0.86 -33.90 -20.09
C THR C 115 -0.05 -34.81 -19.27
N VAL C 116 -1.18 -34.26 -18.83
CA VAL C 116 -1.97 -34.91 -17.78
C VAL C 116 -3.42 -35.09 -18.18
N SER C 117 -3.67 -35.40 -19.45
CA SER C 117 -5.02 -35.79 -19.85
C SER C 117 -5.40 -37.13 -19.22
N ALA C 118 -4.70 -38.19 -19.61
CA ALA C 118 -4.94 -39.52 -19.05
C ALA C 118 -3.69 -40.38 -19.18
N CYS D 4 25.26 9.48 -20.59
CA CYS D 4 25.27 10.12 -19.28
C CYS D 4 23.87 10.14 -18.66
N PRO D 5 23.45 9.00 -18.09
CA PRO D 5 22.06 8.89 -17.62
C PRO D 5 21.85 9.28 -16.16
N PHE D 6 22.79 10.04 -15.58
CA PHE D 6 22.59 10.61 -14.24
C PHE D 6 22.03 12.04 -14.32
N GLY D 7 20.91 12.17 -15.03
CA GLY D 7 20.29 13.48 -15.16
C GLY D 7 18.79 13.41 -15.04
N GLU D 8 18.27 12.20 -14.87
CA GLU D 8 16.84 12.00 -14.67
C GLU D 8 16.62 11.24 -13.38
N VAL D 9 17.72 10.87 -12.72
CA VAL D 9 17.63 10.18 -11.44
C VAL D 9 17.67 11.15 -10.26
N PHE D 10 18.59 12.11 -10.30
CA PHE D 10 18.71 13.04 -9.19
C PHE D 10 17.75 14.21 -9.32
N ASN D 11 17.86 14.98 -10.40
CA ASN D 11 16.98 16.14 -10.59
C ASN D 11 15.64 15.78 -11.20
N ALA D 12 14.88 14.91 -10.54
CA ALA D 12 13.60 14.49 -11.10
C ALA D 12 12.56 15.35 -10.44
N THR D 13 11.35 15.32 -10.96
CA THR D 13 10.33 16.21 -10.42
C THR D 13 9.89 15.74 -9.05
N ARG D 14 9.23 14.59 -8.99
CA ARG D 14 8.64 14.11 -7.75
C ARG D 14 9.05 12.66 -7.56
N PHE D 15 9.84 12.39 -6.53
CA PHE D 15 10.17 11.03 -6.18
C PHE D 15 8.94 10.32 -5.64
N ALA D 16 8.96 9.01 -5.71
CA ALA D 16 7.86 8.25 -5.16
C ALA D 16 8.01 8.12 -3.66
N SER D 17 7.12 7.35 -3.05
CA SER D 17 7.10 7.17 -1.61
C SER D 17 8.28 6.31 -1.16
N VAL D 18 8.33 5.94 0.12
CA VAL D 18 9.40 5.02 0.50
C VAL D 18 8.97 3.58 0.26
N TYR D 19 7.66 3.30 0.26
CA TYR D 19 7.25 1.91 0.18
C TYR D 19 7.33 1.39 -1.25
N ALA D 20 6.90 2.19 -2.22
CA ALA D 20 7.04 1.84 -3.63
C ALA D 20 8.22 2.58 -4.24
N TRP D 21 9.41 2.25 -3.76
CA TRP D 21 10.62 2.94 -4.18
C TRP D 21 10.90 2.63 -5.64
N ASN D 22 10.97 3.68 -6.44
CA ASN D 22 11.10 3.55 -7.88
C ASN D 22 12.51 3.07 -8.22
N ARG D 23 12.63 2.33 -9.31
CA ARG D 23 13.95 1.91 -9.81
C ARG D 23 14.14 2.37 -11.25
N LYS D 24 15.39 2.69 -11.58
CA LYS D 24 15.78 3.02 -12.93
C LYS D 24 17.09 2.31 -13.23
N ARG D 25 17.18 1.71 -14.42
CA ARG D 25 18.36 0.96 -14.78
C ARG D 25 19.33 1.83 -15.55
N ILE D 26 20.61 1.63 -15.27
CA ILE D 26 21.70 2.38 -15.88
C ILE D 26 22.62 1.39 -16.55
N SER D 27 22.86 1.59 -17.86
CA SER D 27 23.69 0.65 -18.60
C SER D 27 24.34 1.36 -19.78
N ASN D 28 25.46 0.81 -20.24
CA ASN D 28 26.07 1.10 -21.55
C ASN D 28 26.56 2.54 -21.67
N CYS D 29 26.81 3.19 -20.54
CA CYS D 29 27.42 4.52 -20.57
C CYS D 29 28.16 4.75 -19.26
N VAL D 30 29.44 5.07 -19.37
CA VAL D 30 30.23 5.37 -18.18
C VAL D 30 29.82 6.74 -17.66
N ALA D 31 29.40 6.78 -16.41
CA ALA D 31 28.91 8.01 -15.81
C ALA D 31 30.08 8.91 -15.46
N ASP D 32 29.77 10.19 -15.24
CA ASP D 32 30.81 11.19 -15.00
C ASP D 32 31.21 11.18 -13.53
N TYR D 33 30.21 11.03 -12.64
CA TYR D 33 30.36 11.18 -11.19
C TYR D 33 30.96 12.54 -10.83
N SER D 34 30.48 13.56 -11.54
CA SER D 34 30.93 14.93 -11.36
C SER D 34 30.12 15.70 -10.35
N VAL D 35 28.80 15.50 -10.32
CA VAL D 35 28.00 16.10 -9.27
C VAL D 35 28.24 15.40 -7.95
N LEU D 36 28.67 14.15 -8.00
CA LEU D 36 28.97 13.41 -6.78
C LEU D 36 30.43 13.61 -6.41
N TYR D 37 30.67 13.77 -5.11
CA TYR D 37 31.95 14.03 -4.43
C TYR D 37 32.75 15.21 -4.98
N ASN D 38 32.12 16.07 -5.78
CA ASN D 38 32.73 17.30 -6.25
C ASN D 38 31.79 18.50 -6.18
N SER D 39 30.51 18.29 -5.92
CA SER D 39 29.58 19.39 -5.71
C SER D 39 29.22 19.62 -4.25
N ALA D 40 29.09 18.53 -3.48
CA ALA D 40 29.02 18.53 -2.01
C ALA D 40 27.82 19.30 -1.48
N SER D 41 26.78 19.48 -2.29
CA SER D 41 25.53 20.03 -1.81
C SER D 41 24.68 18.99 -1.09
N PHE D 42 25.10 17.73 -1.09
CA PHE D 42 24.35 16.66 -0.47
C PHE D 42 24.77 16.55 1.00
N SER D 43 23.89 16.00 1.82
CA SER D 43 24.22 15.83 3.23
C SER D 43 25.04 14.57 3.47
N THR D 44 24.48 13.40 3.19
CA THR D 44 25.09 12.12 3.53
C THR D 44 25.63 11.47 2.27
N PHE D 45 26.88 11.02 2.34
CA PHE D 45 27.53 10.30 1.26
C PHE D 45 28.13 9.02 1.81
N LYS D 46 27.40 8.34 2.68
CA LYS D 46 27.95 7.16 3.34
C LYS D 46 28.03 6.02 2.36
N CYS D 47 29.23 5.75 1.88
CA CYS D 47 29.42 5.01 0.64
C CYS D 47 30.29 3.79 0.93
N TYR D 48 29.67 2.61 0.87
CA TYR D 48 30.30 1.38 1.34
C TYR D 48 31.03 0.67 0.21
N GLY D 49 31.96 -0.21 0.62
CA GLY D 49 32.67 -1.03 -0.32
C GLY D 49 33.76 -0.25 -1.02
N VAL D 50 33.44 0.13 -2.26
CA VAL D 50 34.28 0.95 -3.13
C VAL D 50 34.62 2.28 -2.47
N SER D 51 35.81 2.81 -2.77
CA SER D 51 36.22 4.11 -2.29
C SER D 51 35.30 5.20 -2.86
N PRO D 52 35.02 6.25 -2.08
CA PRO D 52 34.09 7.28 -2.56
C PRO D 52 34.71 8.26 -3.54
N THR D 53 36.03 8.21 -3.70
CA THR D 53 36.71 9.17 -4.57
C THR D 53 37.06 8.59 -5.94
N LYS D 54 37.11 7.27 -6.08
CA LYS D 54 37.42 6.62 -7.35
C LYS D 54 36.18 5.93 -7.91
N LEU D 55 35.46 6.66 -8.76
CA LEU D 55 34.26 6.12 -9.40
C LEU D 55 34.31 6.16 -10.92
N ASN D 56 34.85 7.22 -11.52
CA ASN D 56 34.92 7.29 -12.98
C ASN D 56 36.03 6.40 -13.54
N ASP D 57 36.98 5.99 -12.70
CA ASP D 57 38.02 5.09 -13.20
C ASP D 57 37.51 3.65 -13.27
N LEU D 58 36.65 3.26 -12.33
CA LEU D 58 36.22 1.88 -12.24
C LEU D 58 35.02 1.62 -13.15
N CYS D 59 34.76 0.34 -13.43
CA CYS D 59 33.65 -0.06 -14.27
C CYS D 59 33.00 -1.29 -13.66
N PHE D 60 31.69 -1.40 -13.81
CA PHE D 60 30.89 -2.47 -13.21
C PHE D 60 30.10 -3.19 -14.28
N THR D 61 29.27 -4.14 -13.84
CA THR D 61 28.43 -4.92 -14.74
C THR D 61 27.04 -4.31 -14.86
N ASN D 62 26.34 -4.17 -13.74
CA ASN D 62 25.04 -3.56 -13.69
C ASN D 62 25.09 -2.37 -12.74
N VAL D 63 24.42 -1.29 -13.12
CA VAL D 63 24.29 -0.12 -12.27
C VAL D 63 22.79 0.07 -12.03
N TYR D 64 22.33 -0.28 -10.85
CA TYR D 64 20.92 -0.15 -10.50
C TYR D 64 20.76 0.97 -9.49
N ALA D 65 19.91 1.94 -9.80
CA ALA D 65 19.63 3.08 -8.93
C ALA D 65 18.18 2.98 -8.47
N ASP D 66 17.93 3.45 -7.26
CA ASP D 66 16.59 3.54 -6.73
C ASP D 66 16.50 4.71 -5.75
N SER D 67 15.27 5.14 -5.47
CA SER D 67 15.10 6.42 -4.81
C SER D 67 13.80 6.45 -4.01
N PHE D 68 13.79 7.28 -2.96
CA PHE D 68 12.63 7.49 -2.12
C PHE D 68 12.82 8.79 -1.31
N VAL D 69 11.88 9.08 -0.42
CA VAL D 69 11.93 10.24 0.48
C VAL D 69 11.59 9.86 1.91
N ILE D 70 12.50 10.11 2.84
CA ILE D 70 12.36 9.67 4.23
C ILE D 70 12.55 10.85 5.16
N ARG D 71 12.07 10.70 6.39
CA ARG D 71 12.29 11.71 7.41
C ARG D 71 13.75 11.76 7.83
N GLY D 72 14.15 12.90 8.41
CA GLY D 72 15.55 13.14 8.67
C GLY D 72 16.10 12.28 9.79
N ASP D 73 15.22 11.83 10.69
CA ASP D 73 15.63 10.92 11.75
C ASP D 73 15.73 9.48 11.27
N GLU D 74 15.34 9.22 10.02
CA GLU D 74 15.43 7.88 9.45
C GLU D 74 16.43 7.80 8.31
N VAL D 75 17.32 8.77 8.17
CA VAL D 75 18.32 8.71 7.11
C VAL D 75 19.40 7.70 7.46
N ARG D 76 19.54 7.35 8.73
CA ARG D 76 20.54 6.36 9.11
C ARG D 76 20.05 4.94 8.86
N GLN D 77 18.76 4.76 8.60
CA GLN D 77 18.22 3.41 8.43
C GLN D 77 18.55 2.83 7.07
N ILE D 78 18.90 3.67 6.10
CA ILE D 78 19.34 3.18 4.80
C ILE D 78 20.79 2.78 4.94
N ALA D 79 21.02 1.52 5.29
CA ALA D 79 22.33 1.06 5.73
C ALA D 79 22.34 -0.46 5.67
N PRO D 80 23.52 -1.08 5.64
CA PRO D 80 23.56 -2.54 5.75
C PRO D 80 23.21 -3.04 7.14
N GLY D 81 22.01 -3.59 7.29
CA GLY D 81 21.66 -4.32 8.49
C GLY D 81 21.30 -3.49 9.70
N GLN D 82 21.38 -2.16 9.63
CA GLN D 82 20.98 -1.34 10.75
C GLN D 82 19.47 -1.32 10.86
N THR D 83 18.95 -1.99 11.88
CA THR D 83 17.52 -2.20 12.04
C THR D 83 16.85 -0.92 12.49
N GLY D 84 15.53 -0.87 12.31
CA GLY D 84 14.78 0.32 12.67
C GLY D 84 13.31 0.17 12.35
N LYS D 85 12.71 1.20 11.75
CA LYS D 85 11.30 1.17 11.42
C LYS D 85 11.06 1.07 9.92
N ILE D 86 11.82 1.83 9.12
CA ILE D 86 11.69 1.68 7.67
C ILE D 86 12.63 0.62 7.11
N ALA D 87 13.67 0.26 7.85
CA ALA D 87 14.61 -0.72 7.36
C ALA D 87 14.19 -2.14 7.65
N ASP D 88 13.04 -2.31 8.27
CA ASP D 88 12.50 -3.64 8.51
C ASP D 88 11.08 -3.80 8.05
N TYR D 89 10.49 -2.78 7.45
CA TYR D 89 9.19 -2.93 6.81
C TYR D 89 9.12 -2.29 5.43
N ASN D 90 10.01 -1.38 5.07
CA ASN D 90 9.86 -0.63 3.83
C ASN D 90 10.97 -0.92 2.83
N TYR D 91 12.23 -0.87 3.24
CA TYR D 91 13.35 -0.95 2.30
C TYR D 91 14.58 -1.37 3.08
N LYS D 92 15.04 -2.60 2.89
CA LYS D 92 16.17 -3.12 3.66
C LYS D 92 17.32 -3.46 2.73
N LEU D 93 18.44 -2.78 2.93
CA LEU D 93 19.66 -3.15 2.23
C LEU D 93 20.20 -4.47 2.78
N PRO D 94 20.93 -5.23 1.98
CA PRO D 94 21.56 -6.45 2.48
C PRO D 94 22.87 -6.14 3.16
N ASP D 95 23.46 -7.16 3.75
CA ASP D 95 24.66 -7.02 4.55
C ASP D 95 25.93 -6.99 3.72
N ASP D 96 25.87 -7.38 2.45
CA ASP D 96 27.02 -7.39 1.57
C ASP D 96 26.85 -6.39 0.43
N PHE D 97 26.01 -5.39 0.64
CA PHE D 97 25.76 -4.38 -0.37
C PHE D 97 26.96 -3.47 -0.52
N THR D 98 27.43 -3.33 -1.75
CA THR D 98 28.47 -2.36 -2.10
C THR D 98 27.84 -1.35 -3.06
N GLY D 99 28.30 -0.12 -3.01
CA GLY D 99 27.57 0.94 -3.66
C GLY D 99 27.72 2.20 -2.83
N CYS D 100 26.81 3.14 -3.03
CA CYS D 100 27.00 4.45 -2.46
C CYS D 100 25.61 5.01 -2.16
N VAL D 101 25.44 5.57 -0.97
CA VAL D 101 24.15 6.05 -0.50
C VAL D 101 24.17 7.57 -0.45
N ILE D 102 23.18 8.20 -1.09
CA ILE D 102 23.15 9.64 -1.28
C ILE D 102 21.95 10.20 -0.53
N ALA D 103 22.13 11.36 0.10
CA ALA D 103 21.03 12.02 0.81
C ALA D 103 21.25 13.52 0.84
N TRP D 104 20.19 14.29 0.60
CA TRP D 104 20.22 15.74 0.74
C TRP D 104 18.86 16.25 1.21
N ASN D 105 18.84 17.51 1.64
CA ASN D 105 17.65 18.13 2.19
C ASN D 105 16.61 18.42 1.12
N SER D 106 15.35 18.32 1.48
CA SER D 106 14.29 18.74 0.57
C SER D 106 13.12 19.26 1.39
N ASN D 107 13.12 20.56 1.62
CA ASN D 107 12.01 21.19 2.32
C ASN D 107 11.33 22.26 1.48
N ASN D 108 12.04 22.86 0.53
CA ASN D 108 11.47 23.87 -0.36
C ASN D 108 10.76 23.26 -1.55
N LEU D 109 10.68 21.93 -1.63
CA LEU D 109 10.07 21.25 -2.76
C LEU D 109 8.97 20.29 -2.36
N ASP D 110 9.07 19.68 -1.18
CA ASP D 110 8.26 18.54 -0.78
C ASP D 110 7.39 18.87 0.42
N SER D 111 7.50 20.08 0.94
CA SER D 111 6.70 20.47 2.08
C SER D 111 5.63 21.43 1.62
N LYS D 112 4.49 21.41 2.29
CA LYS D 112 3.46 22.40 2.03
C LYS D 112 2.85 22.83 3.35
N VAL D 113 2.32 24.05 3.37
CA VAL D 113 1.65 24.55 4.57
C VAL D 113 0.37 23.77 4.76
N GLY D 114 0.33 22.95 5.80
CA GLY D 114 -0.79 22.07 6.03
C GLY D 114 -0.50 20.60 5.85
N GLY D 115 0.76 20.22 5.66
CA GLY D 115 1.08 18.80 5.52
C GLY D 115 1.15 18.46 4.05
N ASN D 116 2.05 17.53 3.71
CA ASN D 116 2.11 17.08 2.32
C ASN D 116 1.10 15.98 2.06
N TYR D 117 0.93 15.06 3.00
CA TYR D 117 -0.12 14.02 3.00
C TYR D 117 -0.08 13.09 1.79
N ASN D 118 1.06 13.01 1.09
CA ASN D 118 1.16 12.18 -0.09
C ASN D 118 2.45 11.38 -0.12
N TYR D 119 3.22 11.38 0.96
CA TYR D 119 4.43 10.61 1.05
C TYR D 119 4.18 9.51 2.08
N LEU D 120 3.60 8.42 1.63
CA LEU D 120 3.15 7.41 2.56
C LEU D 120 4.31 6.50 2.93
N TYR D 121 4.24 5.92 4.13
CA TYR D 121 5.25 4.97 4.57
C TYR D 121 4.56 3.83 5.31
N ARG D 122 5.10 2.62 5.17
CA ARG D 122 4.41 1.42 5.61
C ARG D 122 4.74 1.14 7.07
N LEU D 123 3.69 0.91 7.88
CA LEU D 123 3.82 0.82 9.33
C LEU D 123 4.00 -0.62 9.81
N PHE D 124 3.01 -1.47 9.58
CA PHE D 124 3.02 -2.83 10.11
C PHE D 124 2.98 -3.86 8.99
N ARG D 125 3.82 -4.87 9.12
CA ARG D 125 3.82 -6.00 8.20
C ARG D 125 4.05 -7.27 9.01
N LYS D 126 3.60 -8.40 8.47
CA LYS D 126 3.56 -9.65 9.22
C LYS D 126 4.95 -10.18 9.55
N SER D 127 5.97 -9.75 8.83
CA SER D 127 7.33 -10.17 9.10
C SER D 127 8.27 -9.06 8.66
N ASN D 128 9.56 -9.26 8.92
CA ASN D 128 10.56 -8.33 8.42
C ASN D 128 10.70 -8.46 6.92
N LEU D 129 11.44 -7.52 6.33
CA LEU D 129 11.65 -7.58 4.90
C LEU D 129 12.90 -8.39 4.58
N LYS D 130 12.90 -8.93 3.37
CA LYS D 130 14.08 -9.54 2.77
C LYS D 130 14.92 -8.41 2.22
N PRO D 131 16.16 -8.65 1.81
CA PRO D 131 16.89 -7.61 1.07
C PRO D 131 16.21 -7.26 -0.24
N PHE D 132 15.99 -5.96 -0.45
CA PHE D 132 15.48 -5.35 -1.68
C PHE D 132 14.08 -5.78 -2.07
N GLU D 133 13.37 -6.55 -1.27
CA GLU D 133 12.01 -6.96 -1.58
C GLU D 133 11.09 -5.77 -1.32
N ARG D 134 10.30 -5.39 -2.33
CA ARG D 134 9.35 -4.32 -2.13
C ARG D 134 7.93 -4.82 -2.30
N ASP D 135 7.02 -4.23 -1.54
CA ASP D 135 5.62 -4.59 -1.56
C ASP D 135 4.83 -3.33 -1.76
N ILE D 136 3.92 -3.34 -2.72
CA ILE D 136 3.06 -2.19 -2.99
C ILE D 136 1.65 -2.39 -2.44
N SER D 137 1.28 -3.59 -2.01
CA SER D 137 -0.08 -3.85 -1.60
C SER D 137 -0.37 -3.19 -0.26
N THR D 138 -1.64 -2.84 -0.07
CA THR D 138 -2.11 -2.12 1.10
C THR D 138 -3.02 -2.99 1.95
N GLU D 139 -2.66 -4.25 2.12
CA GLU D 139 -3.52 -5.18 2.84
C GLU D 139 -3.51 -4.90 4.33
N ILE D 140 -4.63 -5.17 4.98
CA ILE D 140 -4.85 -4.86 6.38
C ILE D 140 -3.99 -5.77 7.25
N TYR D 141 -3.36 -5.19 8.25
CA TYR D 141 -2.38 -5.91 9.06
C TYR D 141 -3.03 -6.92 10.00
N GLN D 142 -4.20 -6.57 10.55
CA GLN D 142 -4.99 -7.33 11.53
C GLN D 142 -4.13 -7.87 12.68
N ALA D 143 -3.67 -6.92 13.49
CA ALA D 143 -2.83 -7.21 14.65
C ALA D 143 -3.50 -8.09 15.69
N GLY D 144 -4.84 -8.04 15.79
CA GLY D 144 -5.55 -8.67 16.87
C GLY D 144 -5.80 -10.16 16.64
N SER D 145 -6.72 -10.69 17.42
CA SER D 145 -7.14 -12.08 17.31
C SER D 145 -8.02 -12.32 16.11
N THR D 146 -9.01 -11.46 15.90
CA THR D 146 -9.97 -11.69 14.85
C THR D 146 -9.35 -11.32 13.49
N PRO D 147 -9.85 -11.90 12.42
CA PRO D 147 -9.66 -11.29 11.10
C PRO D 147 -10.83 -10.39 10.76
N CYS D 148 -10.55 -9.37 9.97
CA CYS D 148 -11.56 -8.47 9.46
C CYS D 148 -11.44 -8.37 7.95
N ASN D 149 -12.54 -8.00 7.29
CA ASN D 149 -12.58 -7.95 5.84
C ASN D 149 -12.32 -6.52 5.35
N GLY D 150 -11.18 -5.99 5.75
CA GLY D 150 -10.77 -4.65 5.34
C GLY D 150 -11.63 -3.54 5.92
N VAL D 151 -12.30 -3.82 7.04
CA VAL D 151 -13.30 -2.91 7.59
C VAL D 151 -12.59 -1.74 8.28
N GLU D 152 -11.33 -1.96 8.67
CA GLU D 152 -10.47 -1.01 9.39
C GLU D 152 -11.13 -0.59 10.71
N GLY D 153 -11.22 -1.57 11.59
CA GLY D 153 -11.84 -1.41 12.89
C GLY D 153 -10.81 -1.54 14.00
N PHE D 154 -11.22 -2.21 15.07
CA PHE D 154 -10.31 -2.47 16.18
C PHE D 154 -9.28 -3.51 15.77
N ASN D 155 -8.00 -3.15 15.91
CA ASN D 155 -6.85 -3.94 15.45
C ASN D 155 -6.99 -4.35 13.98
N CYS D 156 -7.41 -3.39 13.16
CA CYS D 156 -7.40 -3.53 11.71
C CYS D 156 -6.91 -2.19 11.16
N TYR D 157 -5.65 -2.15 10.76
CA TYR D 157 -4.99 -0.89 10.46
C TYR D 157 -4.86 -0.72 8.95
N PHE D 158 -4.77 0.51 8.53
CA PHE D 158 -4.21 0.72 7.21
C PHE D 158 -2.69 0.77 7.35
N PRO D 159 -1.95 -0.11 6.67
CA PRO D 159 -0.52 -0.24 7.01
C PRO D 159 0.33 0.90 6.50
N LEU D 160 -0.16 1.67 5.53
CA LEU D 160 0.57 2.83 5.02
C LEU D 160 0.14 4.05 5.83
N GLN D 161 0.89 4.34 6.90
CA GLN D 161 0.72 5.60 7.59
C GLN D 161 1.21 6.73 6.71
N SER D 162 0.56 7.88 6.79
CA SER D 162 0.91 9.00 5.93
C SER D 162 1.81 9.97 6.69
N TYR D 163 2.92 10.34 6.08
CA TYR D 163 3.77 11.39 6.61
C TYR D 163 3.00 12.70 6.69
N GLY D 164 3.44 13.56 7.60
CA GLY D 164 3.01 14.95 7.63
C GLY D 164 4.22 15.85 7.45
N PHE D 165 4.12 16.77 6.49
CA PHE D 165 5.27 17.57 6.11
C PHE D 165 4.92 19.04 6.03
N GLN D 166 5.49 19.82 6.92
CA GLN D 166 5.31 21.25 6.92
C GLN D 166 6.68 21.92 6.93
N PRO D 167 6.83 23.11 6.36
CA PRO D 167 8.14 23.77 6.40
C PRO D 167 8.51 24.25 7.80
N THR D 168 7.52 24.49 8.65
CA THR D 168 7.78 24.92 10.02
C THR D 168 7.98 23.69 10.90
N ASN D 169 9.13 23.05 10.76
CA ASN D 169 9.50 21.94 11.62
C ASN D 169 10.99 22.05 11.91
N GLY D 170 11.55 21.01 12.53
CA GLY D 170 12.97 21.00 12.77
C GLY D 170 13.71 20.31 11.65
N VAL D 171 14.82 19.66 11.99
CA VAL D 171 15.55 18.82 11.04
C VAL D 171 15.18 17.35 11.19
N GLY D 172 14.67 16.94 12.34
CA GLY D 172 14.23 15.56 12.50
C GLY D 172 12.98 15.24 11.69
N TYR D 173 12.16 16.24 11.40
CA TYR D 173 10.97 16.04 10.57
C TYR D 173 11.09 16.95 9.36
N GLN D 174 11.81 16.47 8.34
CA GLN D 174 11.95 17.14 7.07
C GLN D 174 12.27 16.03 6.09
N PRO D 175 11.59 15.98 4.94
CA PRO D 175 11.84 14.89 3.99
C PRO D 175 13.18 15.05 3.29
N TYR D 176 14.02 14.03 3.40
CA TYR D 176 15.30 13.99 2.73
C TYR D 176 15.16 13.15 1.47
N ARG D 177 15.55 13.70 0.33
CA ARG D 177 15.52 12.96 -0.92
C ARG D 177 16.75 12.04 -0.91
N VAL D 178 16.49 10.75 -0.74
CA VAL D 178 17.56 9.78 -0.56
C VAL D 178 17.57 8.82 -1.74
N VAL D 179 18.71 8.72 -2.41
CA VAL D 179 18.88 7.88 -3.59
C VAL D 179 20.01 6.91 -3.29
N VAL D 180 19.76 5.61 -3.51
CA VAL D 180 20.75 4.57 -3.28
C VAL D 180 21.32 4.13 -4.62
N LEU D 181 22.64 4.01 -4.70
CA LEU D 181 23.29 3.46 -5.88
C LEU D 181 23.76 2.06 -5.56
N SER D 182 23.36 1.10 -6.39
CA SER D 182 23.77 -0.28 -6.25
C SER D 182 24.54 -0.72 -7.49
N PHE D 183 25.73 -1.26 -7.27
CA PHE D 183 26.59 -1.71 -8.34
C PHE D 183 26.84 -3.21 -8.19
N GLU D 184 27.36 -3.83 -9.25
CA GLU D 184 27.63 -5.25 -9.23
C GLU D 184 28.83 -5.57 -10.12
N LEU D 185 29.61 -6.55 -9.69
CA LEU D 185 30.71 -7.10 -10.48
C LEU D 185 30.33 -8.52 -10.87
N LEU D 186 30.11 -8.73 -12.16
CA LEU D 186 29.64 -10.01 -12.75
C LEU D 186 28.33 -10.50 -12.11
N GLN E 1 -11.58 8.29 -18.51
CA GLN E 1 -11.26 9.71 -18.43
C GLN E 1 -11.32 10.25 -17.01
N VAL E 2 -10.65 11.38 -16.78
CA VAL E 2 -10.68 12.07 -15.50
C VAL E 2 -11.29 13.45 -15.70
N GLN E 3 -12.30 13.77 -14.89
CA GLN E 3 -13.05 15.00 -15.11
C GLN E 3 -13.71 15.41 -13.80
N LEU E 4 -13.55 16.67 -13.44
CA LEU E 4 -14.20 17.24 -12.27
C LEU E 4 -15.37 18.09 -12.75
N GLN E 5 -16.57 17.50 -12.75
CA GLN E 5 -17.77 18.19 -13.20
C GLN E 5 -18.43 18.86 -12.01
N GLN E 6 -18.75 20.14 -12.16
CA GLN E 6 -19.27 20.96 -11.08
C GLN E 6 -20.79 21.11 -11.21
N SER E 7 -21.33 22.01 -10.40
CA SER E 7 -22.76 22.29 -10.38
C SER E 7 -23.11 23.35 -11.42
N GLY E 8 -24.35 23.84 -11.35
CA GLY E 8 -24.79 24.89 -12.24
C GLY E 8 -24.49 26.26 -11.69
N PRO E 9 -24.75 27.28 -12.51
CA PRO E 9 -24.56 28.66 -12.05
C PRO E 9 -25.63 29.05 -11.02
N GLU E 10 -25.18 29.63 -9.92
CA GLU E 10 -26.03 29.96 -8.79
C GLU E 10 -26.11 31.47 -8.60
N LEU E 11 -27.32 31.94 -8.31
CA LEU E 11 -27.52 33.35 -7.98
C LEU E 11 -28.35 33.39 -6.69
N VAL E 12 -27.85 34.10 -5.69
CA VAL E 12 -28.51 34.20 -4.39
C VAL E 12 -28.55 35.64 -3.94
N LYS E 13 -29.35 35.89 -2.92
CA LYS E 13 -29.43 37.21 -2.29
C LYS E 13 -28.20 37.44 -1.43
N PRO E 14 -27.84 38.71 -1.18
CA PRO E 14 -26.71 39.00 -0.30
C PRO E 14 -26.98 38.59 1.14
N GLY E 15 -25.94 38.05 1.78
CA GLY E 15 -26.02 37.57 3.13
C GLY E 15 -26.27 36.08 3.28
N ALA E 16 -26.61 35.39 2.19
CA ALA E 16 -26.94 33.97 2.26
C ALA E 16 -25.67 33.11 2.14
N SER E 17 -25.82 31.85 2.52
CA SER E 17 -24.73 30.90 2.39
C SER E 17 -24.83 30.14 1.06
N VAL E 18 -23.67 29.75 0.55
CA VAL E 18 -23.57 29.09 -0.75
C VAL E 18 -22.78 27.78 -0.58
N ARG E 19 -23.33 26.70 -1.14
CA ARG E 19 -22.70 25.40 -1.13
C ARG E 19 -22.33 25.03 -2.56
N ILE E 20 -21.05 24.82 -2.82
CA ILE E 20 -20.57 24.45 -4.16
C ILE E 20 -20.20 22.98 -4.15
N SER E 21 -20.75 22.23 -5.10
CA SER E 21 -20.45 20.81 -5.23
C SER E 21 -19.35 20.61 -6.25
N CYS E 22 -18.58 19.54 -6.08
CA CYS E 22 -17.45 19.23 -6.95
C CYS E 22 -17.37 17.72 -7.10
N LYS E 23 -18.06 17.18 -8.11
CA LYS E 23 -18.08 15.74 -8.29
C LYS E 23 -16.80 15.28 -8.98
N ALA E 24 -15.94 14.59 -8.24
CA ALA E 24 -14.77 14.00 -8.87
C ALA E 24 -15.13 12.64 -9.45
N SER E 25 -14.36 12.24 -10.47
CA SER E 25 -14.63 10.99 -11.16
C SER E 25 -13.38 10.55 -11.90
N GLY E 26 -13.27 9.24 -12.16
CA GLY E 26 -12.21 8.71 -12.97
C GLY E 26 -10.94 8.35 -12.22
N TYR E 27 -10.63 9.04 -11.13
CA TYR E 27 -9.41 8.83 -10.40
C TYR E 27 -9.73 8.49 -8.94
N THR E 28 -8.69 8.10 -8.22
CA THR E 28 -8.82 7.78 -6.80
C THR E 28 -9.01 9.07 -6.03
N PHE E 29 -10.19 9.25 -5.44
CA PHE E 29 -10.56 10.51 -4.82
C PHE E 29 -9.78 10.78 -3.54
N THR E 30 -9.37 9.72 -2.83
CA THR E 30 -8.79 9.88 -1.52
C THR E 30 -7.28 9.99 -1.53
N SER E 31 -6.67 10.44 -2.63
CA SER E 31 -5.23 10.65 -2.68
C SER E 31 -4.84 11.99 -3.27
N TYR E 32 -5.63 12.52 -4.19
CA TYR E 32 -5.36 13.80 -4.82
C TYR E 32 -6.02 14.89 -4.00
N TYR E 33 -5.32 16.01 -3.83
CA TYR E 33 -5.87 17.18 -3.18
C TYR E 33 -7.03 17.75 -4.00
N ILE E 34 -7.77 18.65 -3.39
CA ILE E 34 -8.71 19.48 -4.13
C ILE E 34 -8.49 20.92 -3.71
N HIS E 35 -8.13 21.77 -4.66
CA HIS E 35 -7.94 23.18 -4.42
C HIS E 35 -9.18 23.94 -4.85
N TRP E 36 -9.19 25.24 -4.58
CA TRP E 36 -10.31 26.09 -4.98
C TRP E 36 -9.78 27.43 -5.47
N VAL E 37 -10.34 27.90 -6.58
CA VAL E 37 -9.83 29.07 -7.28
C VAL E 37 -10.96 30.06 -7.51
N LYS E 38 -10.61 31.35 -7.39
CA LYS E 38 -11.56 32.44 -7.56
C LYS E 38 -11.12 33.30 -8.73
N GLN E 39 -12.04 33.59 -9.64
CA GLN E 39 -11.77 34.45 -10.78
C GLN E 39 -12.84 35.53 -10.84
N ARG E 40 -12.49 36.71 -10.33
CA ARG E 40 -13.27 37.91 -10.57
C ARG E 40 -13.28 38.22 -12.07
N PRO E 41 -14.40 38.70 -12.61
CA PRO E 41 -14.46 39.02 -14.04
C PRO E 41 -13.51 40.14 -14.43
N GLY E 42 -12.79 39.93 -15.53
CA GLY E 42 -11.82 40.88 -16.01
C GLY E 42 -10.49 40.89 -15.27
N GLN E 43 -10.33 40.05 -14.26
CA GLN E 43 -9.14 40.07 -13.41
C GLN E 43 -8.45 38.71 -13.47
N GLY E 44 -7.31 38.63 -12.77
CA GLY E 44 -6.61 37.37 -12.67
C GLY E 44 -7.18 36.47 -11.60
N LEU E 45 -6.71 35.23 -11.58
CA LEU E 45 -7.20 34.29 -10.60
C LEU E 45 -6.63 34.58 -9.22
N GLU E 46 -7.29 34.03 -8.20
CA GLU E 46 -6.79 34.10 -6.84
C GLU E 46 -7.04 32.77 -6.15
N TRP E 47 -6.12 32.42 -5.26
CA TRP E 47 -6.16 31.18 -4.53
C TRP E 47 -7.11 31.29 -3.34
N ILE E 48 -7.78 30.19 -3.02
CA ILE E 48 -8.66 30.19 -1.87
C ILE E 48 -8.12 29.25 -0.80
N GLY E 49 -7.96 27.99 -1.15
CA GLY E 49 -7.57 27.00 -0.17
C GLY E 49 -7.79 25.61 -0.70
N TRP E 50 -7.29 24.64 0.06
CA TRP E 50 -7.35 23.24 -0.35
C TRP E 50 -7.88 22.38 0.78
N ILE E 51 -8.30 21.16 0.42
CA ILE E 51 -8.81 20.21 1.40
C ILE E 51 -8.46 18.79 0.99
N TYR E 52 -7.49 18.18 1.68
CA TYR E 52 -7.06 16.83 1.35
C TYR E 52 -8.11 15.82 1.84
N PRO E 53 -8.78 15.15 0.95
CA PRO E 53 -10.03 14.49 1.34
C PRO E 53 -9.86 13.15 2.03
N GLY E 54 -8.65 12.63 2.08
CA GLY E 54 -8.41 11.40 2.83
C GLY E 54 -8.45 11.76 4.30
N ASN E 55 -7.47 12.53 4.75
CA ASN E 55 -7.45 12.97 6.14
C ASN E 55 -7.88 14.41 6.02
N VAL E 56 -9.10 14.72 6.41
CA VAL E 56 -9.58 16.08 6.20
C VAL E 56 -8.83 17.14 6.98
N LYS E 57 -8.07 17.98 6.28
CA LYS E 57 -7.40 19.08 6.95
C LYS E 57 -7.38 20.25 5.99
N SER E 58 -8.09 21.31 6.34
CA SER E 58 -8.23 22.46 5.45
C SER E 58 -7.18 23.52 5.78
N ILE E 59 -6.89 24.34 4.78
CA ILE E 59 -6.00 25.49 4.91
C ILE E 59 -6.67 26.64 4.16
N TYR E 60 -6.75 27.81 4.77
CA TYR E 60 -7.37 28.94 4.11
C TYR E 60 -6.41 30.09 3.92
N ASN E 61 -6.74 30.94 2.97
CA ASN E 61 -5.96 32.15 2.72
C ASN E 61 -6.22 33.17 3.84
N GLU E 62 -5.31 34.14 3.93
CA GLU E 62 -5.44 35.15 4.99
C GLU E 62 -6.60 36.09 4.75
N LYS E 63 -6.89 36.41 3.49
CA LYS E 63 -8.00 37.30 3.17
C LYS E 63 -9.29 36.54 2.95
N PHE E 64 -9.27 35.22 3.11
CA PHE E 64 -10.47 34.38 3.03
C PHE E 64 -10.44 33.44 4.22
N LYS E 65 -10.94 33.90 5.37
CA LYS E 65 -10.88 33.07 6.56
C LYS E 65 -12.23 32.89 7.23
N GLY E 66 -13.13 33.85 7.14
CA GLY E 66 -14.42 33.72 7.79
C GLY E 66 -15.56 33.45 6.82
N LYS E 67 -15.30 33.70 5.54
CA LYS E 67 -16.37 33.53 4.55
C LYS E 67 -16.43 32.13 3.98
N ALA E 68 -15.28 31.47 3.82
CA ALA E 68 -15.21 30.22 3.07
C ALA E 68 -14.82 29.09 4.01
N THR E 69 -15.64 28.05 4.06
CA THR E 69 -15.33 26.86 4.82
C THR E 69 -15.54 25.62 3.95
N LEU E 70 -14.57 24.71 3.99
CA LEU E 70 -14.52 23.58 3.08
C LEU E 70 -14.73 22.26 3.83
N THR E 71 -15.62 21.44 3.30
CA THR E 71 -15.83 20.08 3.77
C THR E 71 -15.65 19.12 2.61
N ALA E 72 -15.11 17.95 2.90
CA ALA E 72 -14.89 16.91 1.87
C ALA E 72 -15.43 15.58 2.38
N ASP E 73 -16.56 15.16 1.84
CA ASP E 73 -17.16 13.87 2.19
C ASP E 73 -16.44 12.78 1.41
N LYS E 74 -15.82 11.83 2.13
CA LYS E 74 -14.87 10.92 1.53
C LYS E 74 -15.55 9.87 0.67
N SER E 75 -16.67 9.31 1.15
CA SER E 75 -17.27 8.17 0.48
C SER E 75 -18.19 8.56 -0.67
N SER E 76 -18.29 9.84 -1.01
CA SER E 76 -19.12 10.26 -2.13
C SER E 76 -18.31 10.81 -3.29
N ASN E 77 -16.99 10.95 -3.11
CA ASN E 77 -16.05 11.54 -4.08
C ASN E 77 -16.40 12.97 -4.44
N THR E 78 -17.08 13.70 -3.55
CA THR E 78 -17.44 15.09 -3.79
C THR E 78 -16.90 15.94 -2.65
N ALA E 79 -16.21 17.02 -3.00
CA ALA E 79 -15.83 18.03 -2.02
C ALA E 79 -16.90 19.11 -1.99
N TYR E 80 -16.79 20.01 -1.02
CA TYR E 80 -17.78 21.06 -0.87
C TYR E 80 -17.13 22.35 -0.37
N MET E 81 -17.78 23.45 -0.70
CA MET E 81 -17.35 24.79 -0.30
C MET E 81 -18.54 25.53 0.29
N GLN E 82 -18.47 25.84 1.57
CA GLN E 82 -19.50 26.64 2.22
C GLN E 82 -19.03 28.10 2.24
N LEU E 83 -19.46 28.84 1.23
CA LEU E 83 -19.22 30.28 1.23
C LEU E 83 -20.29 30.97 2.06
N SER E 84 -19.85 31.80 3.01
CA SER E 84 -20.74 32.36 4.02
C SER E 84 -20.59 33.86 4.08
N SER E 85 -21.65 34.51 4.56
CA SER E 85 -21.78 35.97 4.70
C SER E 85 -21.53 36.68 3.36
N LEU E 86 -22.27 36.23 2.36
CA LEU E 86 -22.02 36.63 0.99
C LEU E 86 -22.46 38.07 0.75
N THR E 87 -21.56 38.87 0.19
CA THR E 87 -21.82 40.25 -0.18
C THR E 87 -21.79 40.37 -1.69
N SER E 88 -21.94 41.61 -2.18
CA SER E 88 -22.03 41.82 -3.62
C SER E 88 -20.69 41.69 -4.33
N GLU E 89 -19.58 41.90 -3.63
CA GLU E 89 -18.28 41.87 -4.30
C GLU E 89 -17.84 40.45 -4.62
N ASP E 90 -18.40 39.45 -3.94
CA ASP E 90 -18.08 38.05 -4.21
C ASP E 90 -19.08 37.53 -5.23
N SER E 91 -19.07 38.14 -6.41
CA SER E 91 -19.93 37.76 -7.52
C SER E 91 -18.99 37.43 -8.69
N ALA E 92 -18.68 36.15 -8.83
CA ALA E 92 -17.60 35.75 -9.74
C ALA E 92 -17.82 34.31 -10.19
N VAL E 93 -16.79 33.69 -10.74
CA VAL E 93 -16.83 32.32 -11.20
C VAL E 93 -15.86 31.49 -10.36
N TYR E 94 -16.25 30.26 -10.05
CA TYR E 94 -15.49 29.39 -9.16
C TYR E 94 -15.30 28.03 -9.83
N PHE E 95 -14.05 27.60 -9.96
CA PHE E 95 -13.76 26.26 -10.42
C PHE E 95 -13.21 25.42 -9.27
N CYS E 96 -13.10 24.12 -9.53
CA CYS E 96 -12.32 23.22 -8.71
C CYS E 96 -10.92 23.11 -9.28
N ALA E 97 -10.09 22.35 -8.59
CA ALA E 97 -8.79 21.97 -9.10
C ALA E 97 -8.37 20.74 -8.35
N GLY E 98 -7.67 19.83 -9.03
CA GLY E 98 -7.12 18.67 -8.39
C GLY E 98 -5.63 18.64 -8.64
N GLU E 99 -4.90 18.09 -7.67
CA GLU E 99 -3.46 17.99 -7.86
C GLU E 99 -2.92 16.84 -7.04
N GLU E 100 -1.71 16.42 -7.38
CA GLU E 100 -1.00 15.48 -6.54
C GLU E 100 0.41 15.95 -6.30
N HIS E 101 1.05 16.51 -7.33
CA HIS E 101 2.51 16.55 -7.42
C HIS E 101 3.10 17.78 -6.81
N GLY E 102 2.50 18.32 -5.78
CA GLY E 102 2.82 19.67 -5.43
C GLY E 102 1.86 20.58 -6.18
N ASN E 103 2.20 21.86 -6.22
CA ASN E 103 1.24 22.84 -6.73
C ASN E 103 1.17 22.82 -8.25
N TYR E 104 0.47 21.85 -8.82
CA TYR E 104 0.19 21.89 -10.25
C TYR E 104 -1.15 21.23 -10.50
N PHE E 105 -2.09 22.03 -10.96
CA PHE E 105 -3.49 21.62 -11.05
C PHE E 105 -3.63 20.72 -12.27
N ASP E 106 -3.81 19.42 -12.04
CA ASP E 106 -3.95 18.47 -13.13
C ASP E 106 -5.27 18.65 -13.87
N PHE E 107 -6.37 18.61 -13.14
CA PHE E 107 -7.68 18.55 -13.78
C PHE E 107 -8.51 19.69 -13.24
N TRP E 108 -8.68 20.73 -14.04
CA TRP E 108 -9.57 21.79 -13.63
C TRP E 108 -11.01 21.38 -13.87
N GLY E 109 -11.93 22.27 -13.48
CA GLY E 109 -13.34 22.03 -13.66
C GLY E 109 -13.95 23.09 -14.55
N GLN E 110 -15.05 22.70 -15.19
CA GLN E 110 -15.82 23.61 -16.03
C GLN E 110 -16.44 24.68 -15.16
N GLY E 111 -16.72 25.85 -15.74
CA GLY E 111 -17.02 27.02 -14.96
C GLY E 111 -18.44 27.02 -14.42
N THR E 112 -18.58 27.01 -13.11
CA THR E 112 -19.83 27.42 -12.47
C THR E 112 -19.62 28.77 -11.80
N THR E 113 -20.56 29.68 -12.01
CA THR E 113 -20.41 31.01 -11.50
C THR E 113 -21.41 31.28 -10.37
N LEU E 114 -21.10 32.28 -9.56
CA LEU E 114 -21.87 32.64 -8.38
C LEU E 114 -22.00 34.15 -8.37
N THR E 115 -23.22 34.65 -8.32
CA THR E 115 -23.46 36.08 -8.38
C THR E 115 -24.57 36.48 -7.43
N VAL E 116 -24.62 37.77 -7.14
CA VAL E 116 -25.74 38.30 -6.37
C VAL E 116 -26.84 38.77 -7.31
N SER E 117 -28.06 38.81 -6.79
CA SER E 117 -29.23 39.20 -7.55
C SER E 117 -29.97 40.30 -6.82
N GLN E 118 -30.57 41.20 -7.60
CA GLN E 118 -31.31 42.32 -7.04
C GLN E 118 -32.59 42.55 -7.83
N ASP F 1 -26.26 -9.54 16.52
CA ASP F 1 -25.29 -10.29 17.29
C ASP F 1 -25.03 -11.67 16.68
N ILE F 2 -23.94 -12.29 17.09
CA ILE F 2 -23.64 -13.66 16.68
C ILE F 2 -23.79 -14.57 17.91
N VAL F 3 -24.77 -15.47 17.85
CA VAL F 3 -25.21 -16.24 18.99
C VAL F 3 -24.87 -17.71 18.78
N MET F 4 -24.36 -18.35 19.82
CA MET F 4 -24.06 -19.76 19.83
C MET F 4 -24.67 -20.41 21.06
N SER F 5 -24.84 -21.73 21.02
CA SER F 5 -25.51 -22.45 22.09
C SER F 5 -25.05 -23.90 22.07
N GLN F 6 -25.06 -24.53 23.24
CA GLN F 6 -24.72 -25.93 23.37
C GLN F 6 -26.01 -26.74 23.46
N SER F 7 -26.24 -27.60 22.49
CA SER F 7 -27.40 -28.49 22.55
C SER F 7 -27.25 -29.58 23.61
N PRO F 8 -26.04 -30.19 23.86
CA PRO F 8 -25.90 -30.94 25.12
C PRO F 8 -25.76 -29.99 26.30
N SER F 9 -26.82 -29.88 27.10
CA SER F 9 -26.76 -29.06 28.29
C SER F 9 -26.23 -29.85 29.48
N SER F 10 -26.47 -31.15 29.50
CA SER F 10 -26.04 -31.99 30.61
C SER F 10 -25.27 -33.18 30.07
N LEU F 11 -24.19 -33.54 30.75
CA LEU F 11 -23.39 -34.68 30.33
C LEU F 11 -23.84 -35.95 31.06
N ALA F 12 -23.76 -35.94 32.39
CA ALA F 12 -24.10 -37.05 33.28
C ALA F 12 -23.33 -38.32 32.90
N VAL F 13 -22.01 -38.23 32.99
CA VAL F 13 -21.11 -39.29 32.55
C VAL F 13 -20.13 -39.60 33.67
N SER F 14 -19.92 -40.90 33.94
CA SER F 14 -19.01 -41.37 34.96
C SER F 14 -17.59 -41.41 34.42
N VAL F 15 -16.72 -42.18 35.06
CA VAL F 15 -15.33 -42.29 34.62
C VAL F 15 -15.22 -43.27 33.46
N GLY F 16 -14.64 -42.79 32.35
CA GLY F 16 -14.26 -43.67 31.26
C GLY F 16 -15.33 -43.99 30.25
N GLU F 17 -15.89 -42.96 29.61
CA GLU F 17 -16.87 -43.14 28.56
C GLU F 17 -16.60 -42.19 27.42
N LYS F 18 -17.15 -42.51 26.25
CA LYS F 18 -17.01 -41.66 25.06
C LYS F 18 -18.05 -40.54 25.11
N VAL F 19 -17.58 -39.29 25.12
CA VAL F 19 -18.45 -38.12 25.23
C VAL F 19 -18.27 -37.25 23.98
N THR F 20 -19.30 -36.49 23.64
CA THR F 20 -19.21 -35.47 22.61
C THR F 20 -19.82 -34.17 23.12
N MET F 21 -19.37 -33.06 22.53
CA MET F 21 -19.93 -31.75 22.85
C MET F 21 -20.09 -30.99 21.53
N SER F 22 -21.20 -30.27 21.41
CA SER F 22 -21.54 -29.62 20.15
C SER F 22 -22.04 -28.21 20.38
N CYS F 23 -21.66 -27.31 19.47
CA CYS F 23 -22.17 -25.95 19.44
C CYS F 23 -22.54 -25.59 18.01
N LYS F 24 -23.61 -24.83 17.85
CA LYS F 24 -24.11 -24.42 16.54
C LYS F 24 -24.09 -22.91 16.47
N SER F 25 -23.29 -22.37 15.55
CA SER F 25 -23.19 -20.93 15.37
C SER F 25 -24.37 -20.41 14.56
N SER F 26 -24.60 -19.10 14.65
CA SER F 26 -25.66 -18.50 13.85
C SER F 26 -25.22 -18.30 12.42
N GLN F 27 -24.06 -17.68 12.21
CA GLN F 27 -23.50 -17.47 10.88
C GLN F 27 -22.15 -18.16 10.81
N SER F 28 -21.61 -18.26 9.60
CA SER F 28 -20.37 -18.98 9.41
C SER F 28 -19.22 -18.08 9.81
N LEU F 29 -18.31 -18.64 10.59
CA LEU F 29 -17.10 -17.95 11.03
C LEU F 29 -15.88 -18.57 10.36
N LEU F 30 -16.01 -18.79 9.05
CA LEU F 30 -14.92 -19.30 8.21
C LEU F 30 -14.32 -18.05 7.59
N TYR F 31 -13.07 -17.75 7.94
CA TYR F 31 -12.34 -16.72 7.22
C TYR F 31 -11.95 -17.28 5.86
N SER F 32 -12.44 -16.64 4.80
CA SER F 32 -12.31 -17.20 3.46
C SER F 32 -10.89 -17.11 2.92
N SER F 33 -10.07 -16.20 3.45
CA SER F 33 -8.72 -16.03 2.92
C SER F 33 -7.80 -17.17 3.31
N ASN F 34 -7.59 -17.38 4.61
CA ASN F 34 -6.67 -18.41 5.05
C ASN F 34 -7.32 -19.79 5.12
N GLN F 35 -8.63 -19.86 4.93
CA GLN F 35 -9.46 -21.06 5.15
C GLN F 35 -9.23 -21.63 6.55
N LYS F 36 -9.58 -20.82 7.54
CA LYS F 36 -9.53 -21.19 8.95
C LYS F 36 -10.90 -20.95 9.55
N ASN F 37 -11.34 -21.85 10.41
CA ASN F 37 -12.44 -21.55 11.31
C ASN F 37 -11.90 -20.82 12.53
N TYR F 38 -12.80 -20.10 13.21
CA TYR F 38 -12.43 -19.34 14.40
C TYR F 38 -13.38 -19.73 15.53
N LEU F 39 -13.06 -20.82 16.21
CA LEU F 39 -13.78 -21.21 17.41
C LEU F 39 -12.74 -21.55 18.44
N ALA F 40 -13.18 -21.64 19.69
CA ALA F 40 -12.26 -22.04 20.74
C ALA F 40 -13.04 -22.74 21.82
N TRP F 41 -12.36 -23.62 22.52
CA TRP F 41 -12.93 -24.34 23.66
C TRP F 41 -12.01 -24.14 24.87
N TYR F 42 -12.61 -23.96 26.04
CA TYR F 42 -11.81 -23.95 27.26
C TYR F 42 -12.59 -24.54 28.42
N GLN F 43 -11.83 -25.07 29.37
CA GLN F 43 -12.33 -25.76 30.54
C GLN F 43 -12.30 -24.84 31.75
N GLN F 44 -13.20 -25.10 32.69
CA GLN F 44 -13.05 -24.58 34.04
C GLN F 44 -13.80 -25.46 35.02
N LYS F 45 -13.21 -25.62 36.19
CA LYS F 45 -13.86 -26.15 37.36
C LYS F 45 -14.80 -25.10 37.93
N PRO F 46 -15.79 -25.49 38.73
CA PRO F 46 -16.67 -24.47 39.32
C PRO F 46 -15.99 -23.56 40.35
N GLY F 47 -14.78 -23.89 40.80
CA GLY F 47 -14.06 -23.02 41.69
C GLY F 47 -13.04 -22.12 41.02
N GLN F 48 -12.17 -22.71 40.20
CA GLN F 48 -10.98 -22.01 39.71
C GLN F 48 -11.33 -21.05 38.57
N SER F 49 -10.26 -20.52 37.89
CA SER F 49 -10.06 -19.68 36.72
C SER F 49 -9.87 -20.55 35.48
N PRO F 50 -10.62 -20.27 34.42
CA PRO F 50 -10.55 -21.12 33.23
C PRO F 50 -9.22 -21.02 32.50
N LYS F 51 -9.03 -21.94 31.56
CA LYS F 51 -7.78 -22.08 30.84
C LYS F 51 -8.06 -22.64 29.46
N LEU F 52 -7.48 -22.03 28.44
CA LEU F 52 -7.73 -22.39 27.05
C LEU F 52 -6.79 -23.49 26.61
N LEU F 53 -7.32 -24.42 25.84
CA LEU F 53 -6.60 -25.61 25.44
C LEU F 53 -6.84 -25.98 23.98
N ILE F 54 -7.61 -25.18 23.24
CA ILE F 54 -7.88 -25.39 21.82
C ILE F 54 -7.58 -24.11 21.06
N TYR F 55 -6.81 -24.25 19.99
CA TYR F 55 -6.17 -23.21 19.19
C TYR F 55 -7.20 -22.67 18.19
N TRP F 56 -6.74 -22.11 17.05
CA TRP F 56 -7.51 -21.50 15.95
C TRP F 56 -8.85 -22.16 15.68
N ALA F 57 -8.81 -23.46 15.42
CA ALA F 57 -9.98 -24.23 15.05
C ALA F 57 -9.67 -25.69 15.34
N SER F 58 -10.15 -26.18 16.48
CA SER F 58 -10.18 -27.61 16.82
C SER F 58 -8.78 -28.22 16.91
N THR F 59 -7.78 -27.38 17.13
CA THR F 59 -6.40 -27.80 17.23
C THR F 59 -6.09 -27.94 18.73
N ARG F 60 -4.82 -28.16 19.07
CA ARG F 60 -4.45 -28.48 20.43
C ARG F 60 -3.44 -27.47 20.95
N GLU F 61 -3.27 -27.47 22.27
CA GLU F 61 -2.37 -26.55 22.94
C GLU F 61 -1.46 -27.33 23.88
N SER F 62 -0.19 -26.95 23.89
CA SER F 62 0.83 -27.63 24.70
C SER F 62 0.60 -27.37 26.18
N GLY F 63 0.37 -28.45 26.92
CA GLY F 63 -0.14 -28.34 28.27
C GLY F 63 -0.56 -29.70 28.78
N VAL F 64 -1.82 -29.83 29.18
CA VAL F 64 -2.41 -31.12 29.50
C VAL F 64 -2.32 -32.04 28.29
N PRO F 65 -1.95 -33.33 28.45
CA PRO F 65 -1.85 -34.26 27.32
C PRO F 65 -3.18 -34.44 26.58
N ASP F 66 -3.13 -34.26 25.26
CA ASP F 66 -4.34 -34.04 24.47
C ASP F 66 -4.99 -35.37 24.09
N ARG F 67 -5.63 -35.97 25.10
CA ARG F 67 -6.54 -37.08 24.88
C ARG F 67 -7.79 -36.64 24.12
N PHE F 68 -8.34 -35.51 24.51
CA PHE F 68 -9.47 -34.88 23.83
C PHE F 68 -9.16 -34.51 22.39
N THR F 69 -10.20 -34.46 21.57
CA THR F 69 -10.08 -33.89 20.24
C THR F 69 -11.38 -33.18 19.89
N GLY F 70 -11.25 -32.09 19.14
CA GLY F 70 -12.39 -31.39 18.60
C GLY F 70 -12.28 -31.35 17.10
N SER F 71 -13.40 -31.05 16.45
CA SER F 71 -13.44 -31.03 15.00
C SER F 71 -14.62 -30.17 14.56
N GLY F 72 -15.00 -30.29 13.29
CA GLY F 72 -16.13 -29.58 12.74
C GLY F 72 -15.70 -28.45 11.82
N SER F 73 -16.72 -27.85 11.20
CA SER F 73 -16.52 -26.68 10.35
C SER F 73 -17.85 -25.94 10.22
N GLY F 74 -17.75 -24.68 9.80
CA GLY F 74 -18.91 -23.92 9.43
C GLY F 74 -19.80 -23.54 10.59
N THR F 75 -20.93 -24.24 10.72
CA THR F 75 -21.89 -23.99 11.78
C THR F 75 -21.91 -25.05 12.87
N ASP F 76 -21.78 -26.34 12.53
CA ASP F 76 -21.82 -27.41 13.51
C ASP F 76 -20.40 -27.86 13.83
N PHE F 77 -20.13 -28.12 15.11
CA PHE F 77 -18.79 -28.39 15.59
C PHE F 77 -18.85 -29.46 16.67
N THR F 78 -17.73 -30.18 16.84
CA THR F 78 -17.63 -31.29 17.77
C THR F 78 -16.47 -31.07 18.74
N LEU F 79 -16.59 -31.69 19.91
CA LEU F 79 -15.48 -31.84 20.85
C LEU F 79 -15.69 -33.15 21.58
N THR F 80 -14.73 -34.07 21.47
CA THR F 80 -14.87 -35.39 22.04
C THR F 80 -13.67 -35.74 22.92
N ILE F 81 -13.95 -36.41 24.03
CA ILE F 81 -12.92 -36.99 24.89
C ILE F 81 -13.17 -38.49 24.92
N SER F 82 -12.11 -39.29 24.75
CA SER F 82 -12.26 -40.73 24.68
C SER F 82 -12.59 -41.36 26.04
N SER F 83 -11.81 -41.04 27.06
CA SER F 83 -12.04 -41.56 28.41
C SER F 83 -12.10 -40.42 29.39
N VAL F 84 -13.06 -40.47 30.31
CA VAL F 84 -13.16 -39.45 31.35
C VAL F 84 -12.11 -39.74 32.42
N LYS F 85 -11.33 -38.72 32.76
CA LYS F 85 -10.31 -38.82 33.78
C LYS F 85 -10.68 -37.91 34.95
N ALA F 86 -9.76 -37.76 35.90
CA ALA F 86 -10.02 -36.87 37.03
C ALA F 86 -9.96 -35.41 36.62
N GLU F 87 -9.14 -35.07 35.62
CA GLU F 87 -9.03 -33.71 35.14
C GLU F 87 -10.05 -33.37 34.07
N ASP F 88 -10.97 -34.28 33.77
CA ASP F 88 -12.00 -33.99 32.77
C ASP F 88 -13.31 -33.52 33.40
N LEU F 89 -13.39 -33.50 34.73
CA LEU F 89 -14.62 -33.10 35.42
C LEU F 89 -14.65 -31.58 35.56
N ALA F 90 -15.06 -30.92 34.48
CA ALA F 90 -15.04 -29.46 34.41
C ALA F 90 -15.97 -29.00 33.30
N VAL F 91 -16.56 -27.81 33.46
CA VAL F 91 -17.50 -27.29 32.47
C VAL F 91 -16.72 -26.65 31.31
N TYR F 92 -17.16 -26.93 30.08
CA TYR F 92 -16.47 -26.49 28.87
C TYR F 92 -17.36 -25.52 28.10
N TYR F 93 -16.76 -24.44 27.60
CA TYR F 93 -17.48 -23.43 26.83
C TYR F 93 -17.06 -23.47 25.37
N CYS F 94 -18.02 -23.18 24.49
CA CYS F 94 -17.76 -23.01 23.06
C CYS F 94 -17.75 -21.53 22.75
N GLN F 95 -16.60 -21.00 22.33
CA GLN F 95 -16.40 -19.57 22.12
C GLN F 95 -16.23 -19.25 20.64
N GLN F 96 -17.01 -18.30 20.14
CA GLN F 96 -16.82 -17.75 18.82
C GLN F 96 -15.92 -16.53 18.91
N TYR F 97 -14.93 -16.43 18.02
CA TYR F 97 -14.11 -15.24 18.02
C TYR F 97 -13.75 -14.80 16.61
N TYR F 98 -14.71 -14.86 15.70
CA TYR F 98 -14.52 -14.34 14.36
C TYR F 98 -15.04 -12.91 14.20
N SER F 99 -16.34 -12.70 14.33
CA SER F 99 -16.93 -11.36 14.27
C SER F 99 -16.90 -10.78 15.67
N PHE F 100 -16.79 -9.47 15.76
CA PHE F 100 -16.31 -8.86 16.98
C PHE F 100 -17.21 -8.81 18.22
N PRO F 101 -18.54 -8.90 18.14
CA PRO F 101 -19.25 -9.18 19.40
C PRO F 101 -18.97 -10.59 19.88
N LEU F 102 -18.00 -10.74 20.80
CA LEU F 102 -17.46 -12.03 21.19
C LEU F 102 -18.36 -12.67 22.25
N THR F 103 -19.51 -13.17 21.81
CA THR F 103 -20.41 -13.79 22.76
C THR F 103 -20.20 -15.30 22.79
N PHE F 104 -20.31 -15.89 23.98
CA PHE F 104 -20.24 -17.33 24.09
C PHE F 104 -21.06 -17.85 25.26
N GLY F 105 -21.56 -19.08 25.10
CA GLY F 105 -22.46 -19.70 26.06
C GLY F 105 -21.79 -20.84 26.81
N ALA F 106 -22.58 -21.60 27.55
CA ALA F 106 -22.06 -22.61 28.46
C ALA F 106 -22.61 -24.00 28.14
N GLY F 107 -21.77 -25.01 28.34
CA GLY F 107 -22.17 -26.41 28.25
C GLY F 107 -21.66 -27.24 29.43
N THR F 108 -22.58 -27.73 30.25
CA THR F 108 -22.32 -28.07 31.64
C THR F 108 -21.87 -29.51 31.83
N LYS F 109 -20.87 -29.70 32.70
CA LYS F 109 -20.41 -31.02 33.07
C LYS F 109 -21.25 -31.60 34.20
N LEU F 110 -21.64 -32.86 34.03
CA LEU F 110 -22.36 -33.59 35.07
C LEU F 110 -21.82 -35.01 35.11
N GLU F 111 -22.13 -35.72 36.20
CA GLU F 111 -21.57 -37.03 36.48
C GLU F 111 -22.68 -38.03 36.76
N LEU F 112 -22.42 -39.28 36.40
CA LEU F 112 -23.40 -40.35 36.50
C LEU F 112 -23.09 -41.24 37.68
N LYS F 113 -24.09 -41.50 38.51
CA LYS F 113 -23.96 -42.42 39.64
C LYS F 113 -25.33 -42.97 40.03
N GLN G 1 4.44 33.69 2.60
CA GLN G 1 4.15 34.68 1.58
C GLN G 1 5.11 34.58 0.39
N ILE G 2 4.55 34.28 -0.78
CA ILE G 2 5.25 34.35 -2.05
C ILE G 2 4.29 34.96 -3.05
N VAL G 3 4.72 36.05 -3.70
CA VAL G 3 3.90 36.74 -4.68
C VAL G 3 4.70 36.86 -5.97
N LEU G 4 4.04 36.57 -7.08
CA LEU G 4 4.68 36.59 -8.39
C LEU G 4 4.38 37.90 -9.09
N SER G 5 4.92 38.05 -10.29
CA SER G 5 4.65 39.22 -11.12
C SER G 5 4.97 38.88 -12.57
N GLN G 6 4.00 39.07 -13.45
CA GLN G 6 4.21 38.91 -14.89
C GLN G 6 4.28 40.29 -15.53
N SER G 7 5.49 40.75 -15.82
CA SER G 7 5.69 42.13 -16.28
C SER G 7 5.10 42.47 -17.66
N PRO G 8 5.12 41.60 -18.70
CA PRO G 8 4.43 42.00 -19.94
C PRO G 8 2.96 41.67 -19.90
N THR G 9 2.15 42.53 -19.28
CA THR G 9 0.74 42.22 -19.06
C THR G 9 -0.09 42.24 -20.32
N ILE G 10 0.35 42.94 -21.37
CA ILE G 10 -0.31 42.89 -22.68
C ILE G 10 0.79 42.81 -23.72
N LEU G 11 0.74 41.78 -24.56
CA LEU G 11 1.74 41.57 -25.60
C LEU G 11 1.08 41.50 -26.96
N SER G 12 1.56 42.32 -27.88
CA SER G 12 1.18 42.22 -29.29
C SER G 12 2.16 41.30 -30.00
N ALA G 13 1.66 40.51 -30.94
CA ALA G 13 2.50 39.57 -31.65
C ALA G 13 1.91 39.29 -33.02
N SER G 14 2.64 39.67 -34.06
CA SER G 14 2.30 39.26 -35.40
C SER G 14 2.63 37.77 -35.57
N PRO G 15 1.96 37.08 -36.49
CA PRO G 15 2.25 35.66 -36.71
C PRO G 15 3.67 35.44 -37.23
N GLY G 16 4.23 34.29 -36.86
CA GLY G 16 5.59 33.97 -37.24
C GLY G 16 6.63 34.77 -36.47
N GLU G 17 6.48 34.84 -35.16
CA GLU G 17 7.38 35.61 -34.32
C GLU G 17 7.75 34.81 -33.09
N LYS G 18 8.89 35.15 -32.49
CA LYS G 18 9.34 34.56 -31.23
C LYS G 18 9.09 35.59 -30.13
N VAL G 19 8.19 35.25 -29.20
CA VAL G 19 7.84 36.15 -28.10
C VAL G 19 8.12 35.45 -26.78
N THR G 20 8.82 36.15 -25.91
CA THR G 20 9.19 35.63 -24.60
C THR G 20 8.52 36.47 -23.52
N MET G 21 7.75 35.81 -22.66
CA MET G 21 7.09 36.47 -21.54
C MET G 21 7.67 35.94 -20.24
N THR G 22 7.83 36.84 -19.28
CA THR G 22 8.63 36.56 -18.10
C THR G 22 7.74 36.52 -16.86
N CYS G 23 8.25 35.90 -15.80
CA CYS G 23 7.57 35.83 -14.52
C CYS G 23 8.59 36.14 -13.43
N ARG G 24 8.46 37.31 -12.82
CA ARG G 24 9.34 37.73 -11.76
C ARG G 24 8.66 37.46 -10.43
N ALA G 25 9.43 36.97 -9.47
CA ALA G 25 8.86 36.57 -8.19
C ALA G 25 9.50 37.15 -6.97
N ASN G 26 8.73 37.24 -5.91
CA ASN G 26 9.31 37.69 -4.66
C ASN G 26 10.29 36.61 -4.29
N SER G 27 11.46 37.00 -3.85
CA SER G 27 12.48 36.04 -3.41
C SER G 27 12.74 34.75 -4.19
N SER G 28 12.74 33.61 -3.50
CA SER G 28 13.12 32.36 -4.14
C SER G 28 11.88 31.50 -4.34
N VAL G 29 11.98 30.60 -5.32
CA VAL G 29 10.93 29.63 -5.60
C VAL G 29 11.59 28.49 -6.37
N GLY G 30 10.94 27.34 -6.37
CA GLY G 30 11.48 26.19 -7.08
C GLY G 30 11.08 26.22 -8.55
N PHE G 31 10.46 25.14 -9.02
CA PHE G 31 9.98 25.10 -10.38
C PHE G 31 8.70 25.93 -10.53
N MET G 32 8.36 26.26 -11.77
CA MET G 32 7.29 27.21 -12.06
C MET G 32 6.37 26.68 -13.14
N HIS G 33 5.19 26.22 -12.76
CA HIS G 33 4.25 25.71 -13.74
C HIS G 33 3.58 26.87 -14.48
N TRP G 34 2.80 26.52 -15.50
CA TRP G 34 2.07 27.50 -16.31
C TRP G 34 0.66 27.01 -16.57
N CYS G 35 -0.17 27.92 -17.07
CA CYS G 35 -1.55 27.61 -17.37
C CYS G 35 -2.07 28.60 -18.41
N GLN G 36 -3.08 28.18 -19.17
CA GLN G 36 -3.68 29.00 -20.22
C GLN G 36 -5.18 29.02 -20.04
N GLN G 37 -5.76 30.22 -20.05
CA GLN G 37 -7.19 30.40 -19.89
C GLN G 37 -7.73 31.09 -21.12
N LYS G 38 -8.56 30.39 -21.87
CA LYS G 38 -9.30 31.02 -22.97
C LYS G 38 -10.35 31.96 -22.37
N PRO G 39 -10.60 33.11 -23.00
CA PRO G 39 -11.60 34.05 -22.45
C PRO G 39 -13.01 33.51 -22.48
N GLY G 40 -13.57 33.32 -21.28
CA GLY G 40 -14.94 32.84 -21.16
C GLY G 40 -15.07 31.35 -21.00
N SER G 41 -14.04 30.66 -20.52
CA SER G 41 -14.09 29.21 -20.39
C SER G 41 -13.12 28.76 -19.32
N SER G 42 -13.13 27.46 -19.06
CA SER G 42 -12.28 26.89 -18.03
C SER G 42 -10.85 26.82 -18.51
N PRO G 43 -9.87 27.13 -17.68
CA PRO G 43 -8.48 27.04 -18.12
C PRO G 43 -8.02 25.61 -18.27
N LYS G 44 -6.87 25.45 -18.96
CA LYS G 44 -6.24 24.21 -19.38
C LYS G 44 -4.81 24.14 -18.86
N PRO G 45 -4.34 22.97 -18.44
CA PRO G 45 -2.98 22.86 -17.91
C PRO G 45 -1.98 22.86 -19.05
N TRP G 46 -1.02 23.77 -18.99
CA TRP G 46 -0.19 23.96 -20.17
C TRP G 46 1.22 23.43 -20.00
N ILE G 47 1.95 23.90 -18.99
CA ILE G 47 3.35 23.53 -18.85
C ILE G 47 3.57 22.96 -17.45
N TYR G 48 4.31 21.86 -17.37
CA TYR G 48 4.78 21.30 -16.10
C TYR G 48 6.03 22.06 -15.66
N ALA G 49 6.82 21.48 -14.74
CA ALA G 49 7.74 22.13 -13.81
C ALA G 49 8.49 23.35 -14.31
N THR G 50 9.20 23.22 -15.41
CA THR G 50 9.48 24.37 -16.25
C THR G 50 9.29 24.11 -17.74
N SER G 51 9.51 22.88 -18.20
CA SER G 51 9.72 22.63 -19.62
C SER G 51 8.99 21.40 -20.16
N ASN G 52 8.13 20.77 -19.38
CA ASN G 52 7.35 19.67 -19.93
C ASN G 52 5.95 20.15 -20.29
N LEU G 53 5.39 19.57 -21.34
CA LEU G 53 4.32 20.23 -22.08
C LEU G 53 2.96 19.57 -21.94
N ALA G 54 2.68 18.89 -20.83
CA ALA G 54 1.35 18.44 -20.42
C ALA G 54 0.68 17.47 -21.38
N SER G 55 1.44 16.87 -22.31
CA SER G 55 1.04 15.76 -23.18
C SER G 55 -0.13 16.06 -24.12
N GLY G 56 -0.52 17.32 -24.27
CA GLY G 56 -1.59 17.67 -25.19
C GLY G 56 -1.37 18.99 -25.88
N VAL G 57 -0.11 19.39 -26.01
CA VAL G 57 0.26 20.75 -26.40
C VAL G 57 1.19 20.72 -27.60
N PRO G 58 0.94 21.53 -28.64
CA PRO G 58 1.88 21.62 -29.75
C PRO G 58 3.23 22.18 -29.32
N GLY G 59 4.29 21.63 -29.92
CA GLY G 59 5.67 21.79 -29.49
C GLY G 59 6.31 23.13 -29.73
N ARG G 60 5.54 24.17 -30.03
CA ARG G 60 6.12 25.50 -30.16
C ARG G 60 6.47 26.10 -28.81
N PHE G 61 5.75 25.71 -27.76
CA PHE G 61 5.92 26.28 -26.44
C PHE G 61 7.12 25.64 -25.75
N SER G 62 8.07 26.47 -25.31
CA SER G 62 9.22 25.95 -24.59
C SER G 62 9.69 27.03 -23.64
N GLY G 63 9.77 26.70 -22.35
CA GLY G 63 10.24 27.66 -21.37
C GLY G 63 11.41 27.15 -20.57
N SER G 64 12.22 28.07 -20.02
CA SER G 64 13.36 27.67 -19.22
C SER G 64 13.66 28.80 -18.24
N GLY G 65 14.75 28.65 -17.48
CA GLY G 65 15.15 29.60 -16.47
C GLY G 65 15.48 28.89 -15.18
N SER G 66 16.02 29.68 -14.24
CA SER G 66 16.40 29.18 -12.93
C SER G 66 16.42 30.35 -11.96
N GLY G 67 16.56 30.04 -10.67
CA GLY G 67 16.62 31.06 -9.64
C GLY G 67 15.26 31.65 -9.32
N THR G 68 15.09 32.95 -9.61
CA THR G 68 13.86 33.65 -9.29
C THR G 68 13.01 33.97 -10.51
N SER G 69 13.63 34.08 -11.68
CA SER G 69 12.93 34.48 -12.89
C SER G 69 12.76 33.28 -13.81
N TYR G 70 11.53 33.04 -14.24
CA TYR G 70 11.23 31.95 -15.14
C TYR G 70 10.37 32.50 -16.28
N SER G 71 10.63 32.00 -17.49
CA SER G 71 10.07 32.64 -18.66
C SER G 71 9.67 31.59 -19.68
N LEU G 72 8.70 31.96 -20.52
CA LEU G 72 8.13 31.08 -21.53
C LEU G 72 8.36 31.68 -22.91
N THR G 73 8.84 30.86 -23.84
CA THR G 73 9.10 31.29 -25.21
C THR G 73 8.23 30.50 -26.17
N ILE G 74 7.39 31.20 -26.93
CA ILE G 74 6.61 30.60 -28.00
C ILE G 74 7.40 30.71 -29.29
N SER G 75 7.53 29.59 -30.01
CA SER G 75 8.37 29.56 -31.20
C SER G 75 7.76 30.36 -32.34
N ARG G 76 6.56 30.01 -32.76
CA ARG G 76 5.84 30.71 -33.82
C ARG G 76 4.43 30.96 -33.35
N VAL G 77 4.06 32.23 -33.26
CA VAL G 77 2.72 32.60 -32.80
C VAL G 77 1.72 32.30 -33.90
N GLU G 78 0.56 31.78 -33.51
CA GLU G 78 -0.49 31.53 -34.49
C GLU G 78 -1.79 32.20 -34.06
N ALA G 79 -2.88 31.86 -34.74
CA ALA G 79 -4.17 32.44 -34.42
C ALA G 79 -4.78 31.85 -33.16
N GLU G 80 -4.31 30.68 -32.74
CA GLU G 80 -4.98 29.99 -31.63
C GLU G 80 -4.49 30.48 -30.28
N ASP G 81 -3.39 31.22 -30.24
CA ASP G 81 -2.88 31.69 -28.95
C ASP G 81 -3.40 33.07 -28.59
N ALA G 82 -4.72 33.23 -28.67
CA ALA G 82 -5.38 34.44 -28.19
C ALA G 82 -6.01 34.22 -26.83
N ALA G 83 -5.18 33.96 -25.83
CA ALA G 83 -5.65 33.61 -24.50
C ALA G 83 -4.69 34.17 -23.46
N THR G 84 -5.09 34.11 -22.19
CA THR G 84 -4.23 34.61 -21.13
C THR G 84 -3.39 33.48 -20.56
N TYR G 85 -2.14 33.80 -20.22
CA TYR G 85 -1.23 32.83 -19.65
C TYR G 85 -0.93 33.17 -18.19
N TYR G 86 -1.41 32.34 -17.28
CA TYR G 86 -1.17 32.51 -15.86
C TYR G 86 0.02 31.65 -15.45
N CYS G 87 0.34 31.67 -14.16
CA CYS G 87 1.46 30.85 -13.67
C CYS G 87 1.17 30.49 -12.22
N GLN G 88 1.45 29.24 -11.84
CA GLN G 88 1.51 28.87 -10.45
C GLN G 88 2.96 28.89 -10.01
N GLN G 89 3.24 28.36 -8.83
CA GLN G 89 4.62 28.23 -8.38
C GLN G 89 4.75 27.03 -7.46
N TRP G 90 5.74 26.19 -7.72
CA TRP G 90 5.96 24.97 -6.95
C TRP G 90 6.93 25.31 -5.83
N SER G 91 6.39 25.49 -4.62
CA SER G 91 7.23 25.78 -3.47
C SER G 91 6.53 25.33 -2.21
N SER G 92 7.15 25.65 -1.08
CA SER G 92 6.56 25.34 0.22
C SER G 92 5.30 26.14 0.48
N ASP G 93 5.24 27.38 0.00
CA ASP G 93 4.08 28.22 0.21
C ASP G 93 2.93 27.74 -0.67
N PRO G 94 1.69 28.09 -0.31
CA PRO G 94 0.56 27.70 -1.15
C PRO G 94 0.61 28.40 -2.50
N PRO G 95 -0.03 27.84 -3.53
CA PRO G 95 0.13 28.40 -4.87
C PRO G 95 -0.66 29.68 -5.06
N THR G 96 0.06 30.78 -5.23
CA THR G 96 -0.55 32.07 -5.52
C THR G 96 -0.26 32.42 -6.97
N PHE G 97 -1.31 32.60 -7.76
CA PHE G 97 -1.18 32.92 -9.17
C PHE G 97 -0.55 34.29 -9.35
N GLY G 98 -0.01 34.50 -10.53
CA GLY G 98 0.50 35.80 -10.91
C GLY G 98 -0.60 36.67 -11.49
N SER G 99 -0.17 37.71 -12.21
CA SER G 99 -1.13 38.55 -12.91
C SER G 99 -1.56 37.93 -14.23
N GLY G 100 -0.65 37.73 -15.14
CA GLY G 100 -0.96 37.15 -16.43
C GLY G 100 -0.34 37.93 -17.57
N THR G 101 -0.38 37.33 -18.77
CA THR G 101 -0.06 38.02 -20.02
C THR G 101 -1.21 37.75 -20.97
N LYS G 102 -1.77 38.81 -21.55
CA LYS G 102 -2.70 38.68 -22.65
C LYS G 102 -1.94 38.84 -23.96
N LEU G 103 -2.09 37.87 -24.85
CA LEU G 103 -1.34 37.82 -26.11
C LEU G 103 -2.32 38.08 -27.25
N GLU G 104 -2.21 39.26 -27.86
CA GLU G 104 -3.09 39.67 -28.95
C GLU G 104 -2.32 39.75 -30.26
N ILE G 105 -3.00 39.44 -31.36
CA ILE G 105 -2.38 39.45 -32.67
C ILE G 105 -2.67 40.77 -33.37
N LYS G 106 -1.66 41.33 -34.04
CA LYS G 106 -1.86 42.53 -34.84
C LYS G 106 -1.37 42.32 -36.27
#